data_6PNE
#
_entry.id   6PNE
#
_cell.length_a   52.310
_cell.length_b   122.090
_cell.length_c   164.730
_cell.angle_alpha   90.00
_cell.angle_beta   90.00
_cell.angle_gamma   90.00
#
_symmetry.space_group_name_H-M   'P 21 21 21'
#
loop_
_entity.id
_entity.type
_entity.pdbx_description
1 polymer 'Nitric oxide synthase, brain'
2 non-polymer 'PROTOPORPHYRIN IX CONTAINING FE'
3 non-polymer 5,6,7,8-TETRAHYDROBIOPTERIN
4 non-polymer 7-[5-(aminomethyl)pyridin-3-yl]-4-methylquinolin-2-amine
5 non-polymer GLYCEROL
6 non-polymer 'ZINC ION'
7 water water
#
_entity_poly.entity_id   1
_entity_poly.type   'polypeptide(L)'
_entity_poly.pdbx_seq_one_letter_code
;CPRFLKVKNWETEVVLTDTLHLKSTLETGCTEYICMGSIMHPSQHARRPEDVATKDQLFPLAKEFIDQYYSSIKRFGSKA
HMERLEEVNKEIDTTSTYQLKDTELIYGAKHAWRNASRCVGRIQWSKLQVFDARDCTTAHGMFNYICNHVKYATNKGNLR
SAITIFPQRTDGKHDFRVWNSQLIRYAGYKQPDGSTLGDPANVQFTEICIQQGWKPPRGRFDVLPLLLQANGNDPELFQI
PPELVLEVPIRHPKFEWFKDLGLKWYGLPAVSNMLLEIGGLEFSACPFSGWYMGTEIGVRDYCDNSRYNILEEVAKKMNL
DMRKTSSLWKDQALVEINIAVLYSFQSDKVTIVDHHSATESFIKHMENEYRCRGGCPADWVWIVPPMSGSITPVFHQEML
NYRLTPSFEYQPDPWNTHVWK
;
_entity_poly.pdbx_strand_id   A,B
#
loop_
_chem_comp.id
_chem_comp.type
_chem_comp.name
_chem_comp.formula
GOL non-polymer GLYCEROL 'C3 H8 O3'
H4B non-polymer 5,6,7,8-TETRAHYDROBIOPTERIN 'C9 H15 N5 O3'
HEM non-polymer 'PROTOPORPHYRIN IX CONTAINING FE' 'C34 H32 Fe N4 O4'
OUA non-polymer 7-[5-(aminomethyl)pyridin-3-yl]-4-methylquinolin-2-amine 'C16 H16 N4'
ZN non-polymer 'ZINC ION' 'Zn 2'
#
# COMPACT_ATOMS: atom_id res chain seq x y z
N CYS A 1 -6.07 3.77 -24.96
CA CYS A 1 -5.15 4.28 -23.96
C CYS A 1 -4.11 5.20 -24.60
N PRO A 2 -3.69 6.26 -23.88
CA PRO A 2 -2.63 7.16 -24.36
C PRO A 2 -1.27 6.47 -24.34
N ARG A 3 -0.41 6.85 -25.28
CA ARG A 3 0.84 6.13 -25.52
C ARG A 3 1.80 6.11 -24.33
N PHE A 4 1.95 7.24 -23.67
CA PHE A 4 2.91 7.34 -22.57
C PHE A 4 2.22 7.53 -21.23
N LEU A 5 2.76 6.87 -20.21
CA LEU A 5 2.28 7.06 -18.85
C LEU A 5 3.46 7.37 -17.94
N LYS A 6 3.33 8.41 -17.13
CA LYS A 6 4.43 8.84 -16.29
C LYS A 6 4.21 8.53 -14.82
N VAL A 7 5.26 8.03 -14.17
CA VAL A 7 5.28 7.82 -12.74
C VAL A 7 6.31 8.76 -12.13
N LYS A 8 6.09 9.13 -10.87
CA LYS A 8 6.97 10.05 -10.20
C LYS A 8 7.52 9.46 -8.91
N ASN A 9 8.77 9.77 -8.57
CA ASN A 9 9.26 9.53 -7.23
C ASN A 9 9.18 10.82 -6.40
N TRP A 10 8.44 10.77 -5.29
CA TRP A 10 8.11 11.97 -4.54
C TRP A 10 9.19 12.40 -3.56
N GLU A 11 10.25 11.62 -3.44
CA GLU A 11 11.37 12.05 -2.64
C GLU A 11 12.60 12.39 -3.47
N THR A 12 12.73 11.83 -4.68
CA THR A 12 13.88 12.18 -5.53
C THR A 12 13.52 13.06 -6.71
N GLU A 13 12.22 13.20 -6.97
CA GLU A 13 11.68 13.96 -8.11
C GLU A 13 11.84 13.29 -9.47
N VAL A 14 12.58 12.19 -9.53
CA VAL A 14 12.77 11.46 -10.79
C VAL A 14 11.43 11.05 -11.44
N VAL A 15 11.30 11.31 -12.73
CA VAL A 15 10.10 10.91 -13.48
C VAL A 15 10.42 9.89 -14.57
N LEU A 16 9.70 8.77 -14.53
CA LEU A 16 9.87 7.74 -15.54
C LEU A 16 8.67 7.72 -16.49
N THR A 17 8.88 7.12 -17.65
CA THR A 17 7.88 7.04 -18.70
C THR A 17 7.65 5.59 -19.07
N ASP A 18 6.39 5.17 -19.05
CA ASP A 18 6.05 3.78 -19.28
C ASP A 18 5.36 3.62 -20.64
N THR A 19 5.90 2.77 -21.49
CA THR A 19 5.24 2.41 -22.74
C THR A 19 4.92 0.91 -22.82
N LEU A 20 5.53 0.14 -21.92
CA LEU A 20 5.32 -1.29 -21.87
C LEU A 20 3.87 -1.68 -21.56
N HIS A 21 3.15 -0.83 -20.82
CA HIS A 21 1.76 -1.14 -20.45
C HIS A 21 0.89 -1.42 -21.68
N LEU A 22 1.33 -0.94 -22.84
CA LEU A 22 0.60 -1.19 -24.09
C LEU A 22 0.55 -2.67 -24.48
N LYS A 23 1.42 -3.49 -23.90
CA LYS A 23 1.42 -4.92 -24.15
C LYS A 23 0.61 -5.70 -23.11
N SER A 24 -0.12 -4.99 -22.25
CA SER A 24 -0.83 -5.68 -21.18
C SER A 24 -1.86 -6.63 -21.76
N THR A 25 -2.10 -7.75 -21.09
CA THR A 25 -2.88 -8.80 -21.70
C THR A 25 -4.21 -8.98 -21.01
N LEU A 26 -4.18 -9.00 -19.68
CA LEU A 26 -5.37 -9.33 -18.93
C LEU A 26 -6.00 -8.13 -18.26
N GLU A 27 -7.23 -8.32 -17.79
CA GLU A 27 -7.90 -7.31 -17.00
C GLU A 27 -7.46 -7.43 -15.54
N THR A 28 -7.26 -6.29 -14.89
CA THR A 28 -6.79 -6.24 -13.50
C THR A 28 -7.92 -6.33 -12.48
N GLY A 29 -9.16 -6.18 -12.95
CA GLY A 29 -10.29 -6.13 -12.06
C GLY A 29 -10.68 -4.70 -11.72
N CYS A 30 -9.73 -3.79 -11.89
CA CYS A 30 -10.04 -2.38 -11.76
C CYS A 30 -10.93 -1.95 -12.91
N THR A 31 -11.66 -0.85 -12.71
CA THR A 31 -12.41 -0.23 -13.79
C THR A 31 -12.14 1.26 -13.78
N GLU A 32 -12.86 1.99 -14.64
CA GLU A 32 -12.79 3.44 -14.66
C GLU A 32 -13.27 4.01 -13.32
N TYR A 33 -14.15 3.27 -12.65
CA TYR A 33 -14.94 3.79 -11.54
C TYR A 33 -14.70 3.10 -10.19
N ILE A 34 -13.71 2.22 -10.15
CA ILE A 34 -13.40 1.50 -8.92
C ILE A 34 -11.99 0.93 -9.01
N CYS A 35 -11.29 0.88 -7.90
CA CYS A 35 -9.96 0.32 -7.87
C CYS A 35 -9.89 -0.83 -6.89
N MET A 36 -9.55 -2.00 -7.41
CA MET A 36 -9.49 -3.23 -6.63
C MET A 36 -8.08 -3.58 -6.22
N GLY A 37 -7.19 -2.58 -6.27
CA GLY A 37 -5.78 -2.79 -6.00
C GLY A 37 -5.33 -3.39 -4.66
N SER A 38 -6.25 -3.49 -3.70
CA SER A 38 -5.93 -4.13 -2.41
C SER A 38 -6.73 -5.42 -2.17
N ILE A 39 -7.44 -5.86 -3.21
CA ILE A 39 -8.07 -7.19 -3.22
C ILE A 39 -7.01 -8.25 -3.50
N MET A 40 -6.90 -9.28 -2.65
CA MET A 40 -5.82 -10.26 -2.81
C MET A 40 -5.95 -11.08 -4.10
N HIS A 41 -7.16 -11.55 -4.38
CA HIS A 41 -7.46 -12.23 -5.64
C HIS A 41 -8.68 -11.61 -6.36
N PRO A 42 -8.46 -10.60 -7.21
CA PRO A 42 -9.59 -10.07 -7.98
C PRO A 42 -10.15 -11.09 -8.99
N ASP A 51 -11.44 -28.47 -18.54
CA ASP A 51 -11.67 -27.05 -18.70
C ASP A 51 -10.40 -26.34 -19.21
N VAL A 52 -10.05 -26.59 -20.48
CA VAL A 52 -8.81 -26.06 -21.05
C VAL A 52 -9.05 -25.29 -22.35
N ALA A 53 -8.06 -24.53 -22.79
CA ALA A 53 -8.14 -23.69 -23.99
C ALA A 53 -8.40 -24.50 -25.26
N THR A 54 -9.20 -23.92 -26.15
CA THR A 54 -9.51 -24.57 -27.42
C THR A 54 -8.45 -24.25 -28.47
N LYS A 55 -8.51 -24.95 -29.59
CA LYS A 55 -7.59 -24.71 -30.71
C LYS A 55 -7.56 -23.23 -31.06
N ASP A 56 -8.74 -22.66 -31.30
CA ASP A 56 -8.86 -21.28 -31.71
C ASP A 56 -8.25 -20.31 -30.70
N GLN A 57 -8.53 -20.54 -29.43
CA GLN A 57 -7.99 -19.70 -28.36
C GLN A 57 -6.48 -19.82 -28.27
N LEU A 58 -5.96 -21.02 -28.47
CA LEU A 58 -4.52 -21.27 -28.30
C LEU A 58 -3.69 -20.61 -29.41
N PHE A 59 -4.21 -20.66 -30.64
CA PHE A 59 -3.49 -20.16 -31.81
C PHE A 59 -2.82 -18.80 -31.61
N PRO A 60 -3.60 -17.76 -31.28
CA PRO A 60 -2.92 -16.46 -31.21
C PRO A 60 -2.08 -16.31 -29.94
N LEU A 61 -2.41 -17.02 -28.88
CA LEU A 61 -1.64 -16.96 -27.65
C LEU A 61 -0.25 -17.51 -27.87
N ALA A 62 -0.18 -18.60 -28.64
CA ALA A 62 1.09 -19.21 -29.00
C ALA A 62 1.88 -18.26 -29.88
N LYS A 63 1.23 -17.72 -30.91
CA LYS A 63 1.89 -16.80 -31.82
C LYS A 63 2.42 -15.57 -31.08
N GLU A 64 1.59 -15.00 -30.22
CA GLU A 64 1.99 -13.85 -29.40
C GLU A 64 3.31 -14.15 -28.69
N PHE A 65 3.34 -15.30 -28.01
CA PHE A 65 4.53 -15.67 -27.27
C PHE A 65 5.74 -15.90 -28.18
N ILE A 66 5.53 -16.62 -29.28
CA ILE A 66 6.64 -16.99 -30.14
C ILE A 66 7.28 -15.74 -30.75
N ASP A 67 6.45 -14.79 -31.19
CA ASP A 67 6.94 -13.53 -31.73
C ASP A 67 7.78 -12.81 -30.69
N GLN A 68 7.31 -12.80 -29.46
CA GLN A 68 8.04 -12.14 -28.38
C GLN A 68 9.41 -12.80 -28.17
N TYR A 69 9.45 -14.13 -28.19
CA TYR A 69 10.72 -14.84 -28.01
C TYR A 69 11.73 -14.49 -29.10
N TYR A 70 11.28 -14.49 -30.35
CA TYR A 70 12.19 -14.25 -31.46
C TYR A 70 12.62 -12.81 -31.52
N SER A 71 11.81 -11.92 -30.99
CA SER A 71 12.19 -10.51 -30.91
C SER A 71 13.23 -10.31 -29.82
N SER A 72 13.13 -11.08 -28.75
CA SER A 72 14.12 -11.02 -27.66
C SER A 72 15.51 -11.47 -28.09
N ILE A 73 15.59 -12.52 -28.91
CA ILE A 73 16.88 -13.01 -29.40
C ILE A 73 17.27 -12.34 -30.72
N LYS A 74 16.60 -11.24 -31.07
CA LYS A 74 16.90 -10.46 -32.27
C LYS A 74 16.89 -11.27 -33.56
N ARG A 75 15.86 -12.11 -33.72
CA ARG A 75 15.68 -12.90 -34.95
C ARG A 75 14.25 -12.76 -35.46
N PHE A 76 13.61 -11.64 -35.13
CA PHE A 76 12.22 -11.43 -35.53
C PHE A 76 12.09 -11.39 -37.04
N GLY A 77 11.10 -12.09 -37.57
CA GLY A 77 10.92 -12.18 -39.01
C GLY A 77 11.86 -13.15 -39.73
N SER A 78 12.79 -13.76 -38.99
CA SER A 78 13.74 -14.67 -39.62
C SER A 78 13.11 -15.97 -40.09
N LYS A 79 13.86 -16.73 -40.87
CA LYS A 79 13.40 -18.02 -41.39
C LYS A 79 13.05 -18.96 -40.23
N ALA A 80 13.98 -19.09 -39.29
CA ALA A 80 13.75 -19.88 -38.08
C ALA A 80 12.47 -19.45 -37.37
N HIS A 81 12.21 -18.13 -37.36
CA HIS A 81 11.01 -17.60 -36.73
C HIS A 81 9.75 -18.07 -37.45
N MET A 82 9.70 -17.84 -38.76
CA MET A 82 8.55 -18.23 -39.57
C MET A 82 8.31 -19.74 -39.52
N GLU A 83 9.38 -20.51 -39.45
CA GLU A 83 9.28 -21.95 -39.39
C GLU A 83 8.71 -22.44 -38.06
N ARG A 84 9.18 -21.85 -36.98
CA ARG A 84 8.70 -22.18 -35.65
C ARG A 84 7.20 -21.90 -35.57
N LEU A 85 6.82 -20.72 -36.05
CA LEU A 85 5.41 -20.38 -36.21
C LEU A 85 4.59 -21.49 -36.87
N GLU A 86 5.08 -21.92 -38.03
CA GLU A 86 4.40 -22.94 -38.85
C GLU A 86 4.32 -24.30 -38.15
N GLU A 87 5.38 -24.63 -37.44
CA GLU A 87 5.44 -25.89 -36.73
C GLU A 87 4.50 -25.91 -35.51
N VAL A 88 4.48 -24.81 -34.75
CA VAL A 88 3.54 -24.68 -33.64
C VAL A 88 2.11 -24.81 -34.13
N ASN A 89 1.83 -24.24 -35.30
CA ASN A 89 0.49 -24.19 -35.86
C ASN A 89 -0.01 -25.56 -36.27
N LYS A 90 0.83 -26.32 -36.96
CA LYS A 90 0.51 -27.69 -37.32
C LYS A 90 0.25 -28.52 -36.07
N GLU A 91 1.14 -28.39 -35.09
CA GLU A 91 1.06 -29.15 -33.86
C GLU A 91 -0.22 -28.84 -33.06
N ILE A 92 -0.67 -27.58 -33.07
CA ILE A 92 -1.94 -27.21 -32.45
C ILE A 92 -3.10 -27.78 -33.26
N ASP A 93 -2.97 -27.71 -34.57
CA ASP A 93 -4.03 -28.16 -35.46
C ASP A 93 -4.32 -29.66 -35.31
N THR A 94 -3.26 -30.45 -35.12
CA THR A 94 -3.40 -31.90 -35.13
C THR A 94 -3.43 -32.53 -33.75
N THR A 95 -2.92 -31.84 -32.74
CA THR A 95 -2.88 -32.40 -31.39
C THR A 95 -3.61 -31.52 -30.36
N SER A 96 -4.17 -30.41 -30.84
CA SER A 96 -4.87 -29.44 -29.99
C SER A 96 -3.97 -28.77 -28.95
N THR A 97 -2.67 -29.07 -29.00
CA THR A 97 -1.74 -28.41 -28.11
C THR A 97 -0.38 -28.26 -28.81
N TYR A 98 0.65 -27.85 -28.09
CA TYR A 98 1.99 -27.85 -28.64
C TYR A 98 3.01 -27.90 -27.50
N GLN A 99 4.25 -28.24 -27.85
CA GLN A 99 5.32 -28.39 -26.89
C GLN A 99 6.32 -27.28 -27.08
N LEU A 100 6.75 -26.69 -25.98
CA LEU A 100 7.79 -25.67 -26.00
C LEU A 100 9.17 -26.28 -26.26
N LYS A 101 10.02 -25.52 -26.93
CA LYS A 101 11.43 -25.87 -27.02
C LYS A 101 12.09 -25.52 -25.67
N ASP A 102 13.21 -26.17 -25.35
CA ASP A 102 13.91 -25.86 -24.11
C ASP A 102 14.23 -24.37 -23.96
N THR A 103 14.74 -23.76 -25.03
CA THR A 103 15.06 -22.34 -25.02
C THR A 103 13.85 -21.48 -24.64
N GLU A 104 12.69 -21.83 -25.19
CA GLU A 104 11.44 -21.12 -24.94
C GLU A 104 10.95 -21.26 -23.52
N LEU A 105 11.03 -22.48 -23.01
CA LEU A 105 10.66 -22.80 -21.63
C LEU A 105 11.47 -21.95 -20.63
N ILE A 106 12.78 -21.90 -20.84
CA ILE A 106 13.68 -21.10 -20.00
C ILE A 106 13.37 -19.61 -20.06
N TYR A 107 13.22 -19.11 -21.28
CA TYR A 107 12.79 -17.76 -21.53
C TYR A 107 11.44 -17.48 -20.83
N GLY A 108 10.47 -18.37 -21.01
CA GLY A 108 9.14 -18.21 -20.45
C GLY A 108 9.15 -18.07 -18.93
N ALA A 109 9.92 -18.94 -18.27
CA ALA A 109 9.97 -18.95 -16.83
C ALA A 109 10.66 -17.69 -16.31
N LYS A 110 11.79 -17.36 -16.91
CA LYS A 110 12.52 -16.15 -16.53
C LYS A 110 11.63 -14.91 -16.65
N HIS A 111 10.81 -14.86 -17.69
CA HIS A 111 10.04 -13.67 -17.93
C HIS A 111 8.77 -13.62 -17.09
N ALA A 112 8.30 -14.79 -16.66
CA ALA A 112 7.16 -14.82 -15.79
C ALA A 112 7.57 -14.22 -14.44
N TRP A 113 8.80 -14.48 -14.03
CA TRP A 113 9.36 -13.86 -12.84
C TRP A 113 9.56 -12.37 -13.10
N ARG A 114 10.10 -12.03 -14.26
CA ARG A 114 10.36 -10.64 -14.62
C ARG A 114 9.08 -9.82 -14.58
N ASN A 115 7.97 -10.51 -14.83
CA ASN A 115 6.65 -9.90 -14.91
C ASN A 115 5.84 -9.95 -13.61
N ALA A 116 6.40 -10.57 -12.56
CA ALA A 116 5.64 -10.71 -11.31
C ALA A 116 5.51 -9.37 -10.60
N SER A 117 4.38 -8.68 -10.80
CA SER A 117 4.20 -7.34 -10.24
CA SER A 117 4.13 -7.35 -10.22
C SER A 117 4.39 -7.30 -8.71
N ARG A 118 4.01 -8.36 -8.01
CA ARG A 118 4.09 -8.37 -6.54
C ARG A 118 5.47 -8.76 -5.96
N CYS A 119 6.47 -8.99 -6.82
CA CYS A 119 7.80 -9.40 -6.34
C CYS A 119 8.83 -8.28 -6.26
N VAL A 120 9.37 -8.07 -5.06
CA VAL A 120 10.36 -7.02 -4.84
C VAL A 120 11.78 -7.50 -5.22
N GLY A 121 11.92 -8.80 -5.44
CA GLY A 121 13.23 -9.37 -5.69
C GLY A 121 13.64 -9.52 -7.14
N ARG A 122 12.88 -8.94 -8.06
CA ARG A 122 13.06 -9.19 -9.48
C ARG A 122 14.32 -8.63 -10.16
N ILE A 123 15.23 -8.00 -9.43
CA ILE A 123 16.50 -7.57 -10.04
C ILE A 123 17.34 -8.81 -10.41
N GLN A 124 16.94 -9.94 -9.85
CA GLN A 124 17.65 -11.21 -10.00
C GLN A 124 17.05 -12.08 -11.11
N TRP A 125 16.02 -11.56 -11.78
CA TRP A 125 15.16 -12.39 -12.61
C TRP A 125 15.92 -13.24 -13.63
N SER A 126 16.97 -12.69 -14.22
CA SER A 126 17.67 -13.39 -15.29
C SER A 126 18.66 -14.47 -14.80
N LYS A 127 18.95 -14.47 -13.49
CA LYS A 127 19.69 -15.57 -12.85
C LYS A 127 18.71 -16.54 -12.20
N LEU A 128 18.17 -17.44 -13.00
CA LEU A 128 17.23 -18.43 -12.51
C LEU A 128 17.59 -19.75 -13.16
N GLN A 129 17.79 -20.78 -12.32
CA GLN A 129 18.13 -22.10 -12.81
C GLN A 129 16.84 -22.85 -13.14
N VAL A 130 16.66 -23.21 -14.39
CA VAL A 130 15.42 -23.89 -14.79
C VAL A 130 15.62 -25.40 -14.91
N PHE A 131 14.78 -26.16 -14.20
CA PHE A 131 14.84 -27.63 -14.29
C PHE A 131 13.66 -28.15 -15.09
N ASP A 132 13.95 -28.65 -16.29
CA ASP A 132 12.94 -29.23 -17.14
C ASP A 132 12.55 -30.59 -16.57
N ALA A 133 11.28 -30.74 -16.19
CA ALA A 133 10.77 -31.97 -15.62
C ALA A 133 9.49 -32.40 -16.33
N ARG A 134 9.38 -32.04 -17.61
CA ARG A 134 8.22 -32.46 -18.42
C ARG A 134 8.25 -33.96 -18.79
N ASP A 135 9.32 -34.67 -18.43
CA ASP A 135 9.35 -36.12 -18.69
C ASP A 135 8.86 -36.92 -17.47
N CYS A 136 8.40 -36.23 -16.43
CA CYS A 136 7.95 -36.90 -15.22
C CYS A 136 6.57 -37.56 -15.41
N THR A 137 6.37 -38.73 -14.83
CA THR A 137 5.11 -39.46 -15.02
C THR A 137 4.48 -39.94 -13.72
N THR A 138 5.22 -39.90 -12.62
CA THR A 138 4.69 -40.38 -11.33
C THR A 138 5.06 -39.45 -10.15
N ALA A 139 4.39 -39.69 -9.03
CA ALA A 139 4.57 -38.91 -7.82
C ALA A 139 5.92 -39.15 -7.18
N HIS A 140 6.39 -40.39 -7.26
CA HIS A 140 7.74 -40.73 -6.83
C HIS A 140 8.76 -39.93 -7.68
N GLY A 141 8.50 -39.82 -8.97
CA GLY A 141 9.37 -39.04 -9.86
C GLY A 141 9.36 -37.57 -9.47
N MET A 142 8.17 -37.07 -9.12
CA MET A 142 8.04 -35.69 -8.67
C MET A 142 8.84 -35.49 -7.41
N PHE A 143 8.78 -36.47 -6.51
CA PHE A 143 9.56 -36.41 -5.28
C PHE A 143 11.06 -36.37 -5.60
N ASN A 144 11.48 -37.12 -6.60
CA ASN A 144 12.88 -37.12 -6.97
C ASN A 144 13.31 -35.73 -7.48
N TYR A 145 12.52 -35.17 -8.40
CA TYR A 145 12.79 -33.84 -8.93
C TYR A 145 12.78 -32.70 -7.87
N ILE A 146 11.90 -32.82 -6.89
CA ILE A 146 11.77 -31.81 -5.86
C ILE A 146 12.95 -31.86 -4.89
N CYS A 147 13.39 -33.06 -4.51
CA CYS A 147 14.60 -33.19 -3.69
C CYS A 147 15.84 -32.62 -4.37
N ASN A 148 15.97 -32.84 -5.67
CA ASN A 148 17.11 -32.28 -6.40
C ASN A 148 17.01 -30.75 -6.42
N HIS A 149 15.80 -30.25 -6.59
CA HIS A 149 15.58 -28.80 -6.59
C HIS A 149 16.05 -28.23 -5.25
N VAL A 150 15.57 -28.82 -4.17
CA VAL A 150 15.82 -28.29 -2.84
C VAL A 150 17.33 -28.29 -2.54
N LYS A 151 18.00 -29.37 -2.93
CA LYS A 151 19.42 -29.49 -2.62
C LYS A 151 20.24 -28.47 -3.40
N TYR A 152 20.02 -28.40 -4.71
CA TYR A 152 20.69 -27.39 -5.53
C TYR A 152 20.43 -25.93 -5.05
N ALA A 153 19.17 -25.59 -4.82
CA ALA A 153 18.78 -24.22 -4.42
C ALA A 153 19.33 -23.86 -3.03
N THR A 154 19.35 -24.83 -2.12
CA THR A 154 19.87 -24.61 -0.78
C THR A 154 21.37 -24.36 -0.82
N ASN A 155 22.11 -25.26 -1.46
CA ASN A 155 23.54 -25.10 -1.72
C ASN A 155 24.29 -24.74 -0.44
N LYS A 156 24.04 -25.53 0.62
CA LYS A 156 24.72 -25.33 1.89
C LYS A 156 24.56 -23.93 2.51
N GLY A 157 23.49 -23.22 2.16
CA GLY A 157 23.25 -21.89 2.73
C GLY A 157 23.48 -20.73 1.79
N ASN A 158 24.23 -20.97 0.72
CA ASN A 158 24.44 -19.99 -0.34
C ASN A 158 23.38 -20.17 -1.43
N LEU A 159 22.19 -19.65 -1.16
CA LEU A 159 21.01 -20.04 -1.94
C LEU A 159 21.03 -19.52 -3.38
N ARG A 160 20.35 -20.23 -4.25
CA ARG A 160 20.32 -19.96 -5.67
C ARG A 160 18.89 -20.13 -6.13
N SER A 161 18.39 -19.16 -6.88
CA SER A 161 16.99 -19.23 -7.30
C SER A 161 16.80 -20.31 -8.37
N ALA A 162 15.69 -21.03 -8.29
CA ALA A 162 15.44 -22.12 -9.22
C ALA A 162 13.95 -22.33 -9.38
N ILE A 163 13.57 -22.90 -10.51
CA ILE A 163 12.21 -23.35 -10.71
C ILE A 163 12.26 -24.77 -11.32
N THR A 164 11.35 -25.62 -10.88
CA THR A 164 11.21 -26.93 -11.49
C THR A 164 9.85 -27.03 -12.16
N ILE A 165 9.86 -27.30 -13.45
CA ILE A 165 8.63 -27.29 -14.22
C ILE A 165 8.16 -28.68 -14.65
N PHE A 166 7.04 -29.10 -14.07
CA PHE A 166 6.41 -30.39 -14.33
C PHE A 166 5.50 -30.29 -15.57
N PRO A 167 5.00 -31.43 -16.10
CA PRO A 167 4.26 -31.38 -17.38
C PRO A 167 3.04 -30.47 -17.38
N GLN A 168 2.81 -29.79 -18.51
CA GLN A 168 1.68 -28.87 -18.65
C GLN A 168 0.35 -29.60 -18.53
N ARG A 169 -0.71 -28.82 -18.40
CA ARG A 169 -2.07 -29.31 -18.35
C ARG A 169 -2.54 -29.72 -19.73
N THR A 170 -3.26 -30.83 -19.81
CA THR A 170 -3.77 -31.34 -21.08
C THR A 170 -5.27 -31.20 -21.14
N ASP A 171 -6.00 -32.16 -20.57
CA ASP A 171 -7.45 -32.09 -20.61
C ASP A 171 -8.00 -31.65 -19.25
N GLY A 172 -7.11 -31.41 -18.31
CA GLY A 172 -7.49 -30.92 -16.99
C GLY A 172 -7.92 -32.03 -16.05
N LYS A 173 -7.98 -33.25 -16.58
CA LYS A 173 -8.33 -34.41 -15.78
C LYS A 173 -7.06 -35.16 -15.46
N HIS A 174 -5.92 -34.59 -15.85
CA HIS A 174 -4.61 -35.22 -15.66
C HIS A 174 -3.56 -34.28 -15.11
N ASP A 175 -3.95 -33.26 -14.36
CA ASP A 175 -3.02 -32.24 -13.86
C ASP A 175 -1.94 -32.83 -12.94
N PHE A 176 -0.72 -32.34 -13.10
CA PHE A 176 0.30 -32.49 -12.06
C PHE A 176 0.07 -31.37 -11.03
N ARG A 177 0.11 -31.69 -9.74
CA ARG A 177 -0.03 -30.66 -8.71
C ARG A 177 0.86 -30.98 -7.52
N VAL A 178 1.56 -29.99 -6.99
CA VAL A 178 2.08 -30.06 -5.63
C VAL A 178 1.01 -29.52 -4.66
N TRP A 179 0.45 -30.38 -3.82
CA TRP A 179 -0.64 -29.94 -2.93
C TRP A 179 -0.15 -28.99 -1.83
N ASN A 180 1.12 -29.09 -1.47
CA ASN A 180 1.71 -28.14 -0.52
C ASN A 180 1.71 -26.73 -1.09
N SER A 181 1.52 -25.72 -0.24
CA SER A 181 1.58 -24.33 -0.69
C SER A 181 3.04 -23.90 -0.81
N GLN A 182 3.88 -24.45 0.06
CA GLN A 182 5.32 -24.38 -0.15
C GLN A 182 5.96 -25.76 0.06
N LEU A 183 7.07 -26.01 -0.64
CA LEU A 183 7.77 -27.28 -0.50
C LEU A 183 8.10 -27.52 0.98
N ILE A 184 8.50 -26.46 1.68
CA ILE A 184 8.82 -26.59 3.10
C ILE A 184 7.95 -25.66 3.97
N ARG A 185 7.14 -26.25 4.86
CA ARG A 185 6.32 -25.50 5.82
C ARG A 185 6.12 -26.31 7.11
N TYR A 186 5.81 -25.61 8.20
CA TYR A 186 5.59 -26.31 9.47
C TYR A 186 4.11 -26.61 9.69
N ALA A 187 3.84 -27.78 10.25
CA ALA A 187 2.49 -28.23 10.60
C ALA A 187 1.79 -27.33 11.62
N GLY A 188 0.47 -27.25 11.51
CA GLY A 188 -0.38 -26.66 12.56
C GLY A 188 -1.43 -27.65 13.03
N TYR A 189 -1.55 -27.82 14.35
CA TYR A 189 -2.48 -28.77 14.94
C TYR A 189 -3.55 -28.11 15.78
N LYS A 190 -4.80 -28.11 15.28
CA LYS A 190 -5.94 -27.63 16.08
C LYS A 190 -6.11 -28.49 17.34
N GLN A 191 -6.21 -27.82 18.48
CA GLN A 191 -6.38 -28.51 19.75
C GLN A 191 -7.85 -28.55 20.14
N PRO A 192 -8.23 -29.58 20.91
CA PRO A 192 -9.59 -29.66 21.44
C PRO A 192 -10.04 -28.39 22.20
N ASP A 193 -9.08 -27.59 22.68
CA ASP A 193 -9.45 -26.44 23.49
C ASP A 193 -9.46 -25.10 22.71
N GLY A 194 -9.13 -25.17 21.42
CA GLY A 194 -9.14 -23.97 20.61
C GLY A 194 -7.76 -23.44 20.27
N SER A 195 -6.77 -23.75 21.10
CA SER A 195 -5.40 -23.34 20.82
C SER A 195 -4.88 -24.06 19.58
N THR A 196 -3.83 -23.51 18.97
CA THR A 196 -3.17 -24.18 17.86
C THR A 196 -1.71 -24.41 18.21
N LEU A 197 -1.24 -25.64 18.00
CA LEU A 197 0.18 -25.94 18.14
C LEU A 197 0.85 -25.82 16.78
N GLY A 198 2.03 -25.20 16.74
CA GLY A 198 2.69 -24.94 15.48
C GLY A 198 2.03 -23.79 14.72
N ASP A 199 2.10 -23.87 13.40
CA ASP A 199 1.74 -22.77 12.51
C ASP A 199 0.28 -22.81 12.08
N PRO A 200 -0.55 -21.92 12.66
CA PRO A 200 -2.00 -21.95 12.39
C PRO A 200 -2.33 -21.81 10.90
N ALA A 201 -1.48 -21.13 10.15
CA ALA A 201 -1.66 -21.01 8.70
C ALA A 201 -1.79 -22.35 7.99
N ASN A 202 -1.22 -23.40 8.57
CA ASN A 202 -1.12 -24.69 7.87
C ASN A 202 -2.03 -25.78 8.43
N VAL A 203 -2.96 -25.39 9.29
CA VAL A 203 -3.87 -26.35 9.93
C VAL A 203 -4.66 -27.21 8.95
N GLN A 204 -5.25 -26.58 7.94
CA GLN A 204 -6.10 -27.28 6.98
C GLN A 204 -5.31 -28.36 6.25
N PHE A 205 -4.15 -27.98 5.71
CA PHE A 205 -3.31 -28.91 4.95
C PHE A 205 -2.78 -30.03 5.84
N THR A 206 -2.41 -29.69 7.08
CA THR A 206 -1.96 -30.69 8.03
C THR A 206 -3.01 -31.76 8.29
N GLU A 207 -4.27 -31.36 8.40
CA GLU A 207 -5.36 -32.30 8.65
C GLU A 207 -5.52 -33.23 7.45
N ILE A 208 -5.42 -32.65 6.26
CA ILE A 208 -5.38 -33.42 5.02
C ILE A 208 -4.27 -34.48 5.06
N CYS A 209 -3.05 -34.07 5.43
CA CYS A 209 -1.92 -35.02 5.50
C CYS A 209 -2.18 -36.15 6.48
N ILE A 210 -2.78 -35.83 7.61
CA ILE A 210 -3.05 -36.81 8.65
C ILE A 210 -4.07 -37.83 8.16
N GLN A 211 -5.12 -37.35 7.49
CA GLN A 211 -6.10 -38.26 6.90
C GLN A 211 -5.47 -39.14 5.82
N GLN A 212 -4.49 -38.59 5.12
CA GLN A 212 -3.83 -39.30 4.05
C GLN A 212 -2.83 -40.31 4.58
N GLY A 213 -2.70 -40.40 5.91
CA GLY A 213 -1.84 -41.40 6.53
C GLY A 213 -0.62 -40.90 7.25
N TRP A 214 -0.39 -39.59 7.24
CA TRP A 214 0.78 -39.02 7.93
C TRP A 214 0.70 -39.21 9.44
N LYS A 215 1.75 -39.77 10.01
CA LYS A 215 1.92 -39.82 11.46
C LYS A 215 2.59 -38.54 11.91
N PRO A 216 1.83 -37.66 12.59
CA PRO A 216 2.38 -36.40 13.05
C PRO A 216 3.18 -36.51 14.36
N PRO A 217 4.38 -35.94 14.42
CA PRO A 217 5.05 -35.90 15.73
C PRO A 217 4.37 -34.91 16.70
N ARG A 218 3.48 -34.06 16.18
CA ARG A 218 2.73 -33.10 16.98
C ARG A 218 3.64 -32.19 17.80
N GLY A 219 4.61 -31.58 17.12
CA GLY A 219 5.46 -30.55 17.73
C GLY A 219 5.19 -29.16 17.17
N ARG A 220 6.01 -28.19 17.57
CA ARG A 220 5.81 -26.79 17.20
C ARG A 220 6.41 -26.44 15.84
N PHE A 221 7.42 -27.21 15.45
CA PHE A 221 8.14 -26.99 14.18
C PHE A 221 8.39 -28.30 13.43
N ASP A 222 7.32 -29.04 13.14
CA ASP A 222 7.43 -30.28 12.35
C ASP A 222 7.29 -29.99 10.85
N VAL A 223 8.33 -30.31 10.08
CA VAL A 223 8.28 -30.12 8.63
C VAL A 223 7.20 -31.02 8.00
N LEU A 224 6.31 -30.43 7.21
CA LEU A 224 5.21 -31.19 6.63
C LEU A 224 5.69 -32.14 5.53
N PRO A 225 4.94 -33.22 5.28
CA PRO A 225 5.33 -34.08 4.14
C PRO A 225 4.92 -33.45 2.83
N LEU A 226 5.53 -33.87 1.72
CA LEU A 226 5.07 -33.46 0.43
C LEU A 226 3.86 -34.30 0.09
N LEU A 227 2.88 -33.68 -0.56
CA LEU A 227 1.69 -34.38 -1.01
C LEU A 227 1.63 -34.11 -2.49
N LEU A 228 1.95 -35.14 -3.27
CA LEU A 228 2.24 -34.94 -4.68
C LEU A 228 1.28 -35.67 -5.60
N GLN A 229 0.89 -35.00 -6.66
CA GLN A 229 -0.11 -35.53 -7.59
C GLN A 229 0.44 -35.53 -9.01
N ALA A 230 0.53 -36.71 -9.62
CA ALA A 230 1.00 -36.81 -11.00
C ALA A 230 -0.14 -37.27 -11.92
N ASN A 231 -0.15 -36.74 -13.13
CA ASN A 231 -1.10 -37.17 -14.16
C ASN A 231 -2.55 -37.36 -13.68
N GLY A 232 -3.03 -36.49 -12.79
CA GLY A 232 -4.41 -36.55 -12.35
C GLY A 232 -4.77 -37.63 -11.34
N ASN A 233 -3.79 -38.46 -10.99
CA ASN A 233 -3.99 -39.48 -9.96
C ASN A 233 -4.14 -38.91 -8.54
N ASP A 234 -4.67 -39.71 -7.62
CA ASP A 234 -4.69 -39.33 -6.20
C ASP A 234 -3.29 -38.98 -5.73
N PRO A 235 -3.19 -38.01 -4.83
CA PRO A 235 -1.89 -37.58 -4.32
C PRO A 235 -1.25 -38.62 -3.39
N GLU A 236 0.07 -38.54 -3.26
CA GLU A 236 0.83 -39.49 -2.47
C GLU A 236 1.81 -38.75 -1.54
N LEU A 237 1.99 -39.28 -0.33
CA LEU A 237 2.86 -38.67 0.67
C LEU A 237 4.33 -39.14 0.60
N PHE A 238 5.25 -38.20 0.78
CA PHE A 238 6.68 -38.51 0.85
C PHE A 238 7.34 -37.69 1.93
N GLN A 239 8.30 -38.26 2.66
CA GLN A 239 9.03 -37.43 3.62
C GLN A 239 10.28 -36.85 2.99
N ILE A 240 10.45 -35.55 3.14
CA ILE A 240 11.65 -34.86 2.69
C ILE A 240 12.77 -35.29 3.63
N PRO A 241 13.90 -35.74 3.05
CA PRO A 241 15.09 -36.03 3.86
C PRO A 241 15.46 -34.84 4.73
N PRO A 242 15.41 -35.00 6.06
CA PRO A 242 15.63 -33.90 7.01
C PRO A 242 16.96 -33.18 6.79
N GLU A 243 17.96 -33.90 6.25
CA GLU A 243 19.26 -33.30 6.01
C GLU A 243 19.23 -32.33 4.82
N LEU A 244 18.17 -32.38 4.03
CA LEU A 244 17.98 -31.42 2.95
C LEU A 244 17.24 -30.16 3.42
N VAL A 245 16.68 -30.18 4.62
CA VAL A 245 15.93 -29.03 5.14
C VAL A 245 16.79 -28.16 6.03
N LEU A 246 17.46 -27.18 5.44
CA LEU A 246 18.28 -26.26 6.19
C LEU A 246 17.41 -25.34 7.07
N GLU A 247 17.76 -25.23 8.35
CA GLU A 247 16.99 -24.47 9.34
C GLU A 247 17.90 -23.54 10.15
N VAL A 248 17.35 -22.40 10.58
CA VAL A 248 18.11 -21.46 11.37
C VAL A 248 17.50 -21.23 12.77
N PRO A 249 18.23 -21.61 13.83
CA PRO A 249 17.69 -21.24 15.15
C PRO A 249 17.78 -19.72 15.35
N ILE A 250 16.72 -19.13 15.87
CA ILE A 250 16.69 -17.68 15.98
C ILE A 250 17.20 -17.20 17.32
N ARG A 251 18.28 -16.45 17.30
CA ARG A 251 18.82 -15.83 18.51
C ARG A 251 18.95 -14.30 18.34
N HIS A 252 19.23 -13.59 19.43
CA HIS A 252 19.36 -12.14 19.40
C HIS A 252 20.74 -11.73 19.88
N PRO A 253 21.39 -10.83 19.13
CA PRO A 253 22.76 -10.40 19.42
C PRO A 253 22.91 -9.69 20.78
N LYS A 254 21.82 -9.15 21.32
CA LYS A 254 21.87 -8.50 22.63
C LYS A 254 21.09 -9.25 23.71
N PHE A 255 19.88 -9.69 23.36
CA PHE A 255 19.03 -10.38 24.33
C PHE A 255 19.39 -11.86 24.39
N GLU A 256 20.09 -12.25 25.46
CA GLU A 256 20.52 -13.64 25.60
C GLU A 256 19.34 -14.57 25.81
N TRP A 257 18.27 -14.04 26.37
CA TRP A 257 17.09 -14.84 26.66
C TRP A 257 16.29 -15.18 25.41
N PHE A 258 16.65 -14.56 24.28
CA PHE A 258 15.84 -14.70 23.07
C PHE A 258 15.89 -16.13 22.54
N LYS A 259 17.05 -16.76 22.65
CA LYS A 259 17.21 -18.15 22.24
C LYS A 259 16.29 -19.10 23.03
N ASP A 260 15.93 -18.71 24.25
CA ASP A 260 15.12 -19.56 25.12
C ASP A 260 13.65 -19.62 24.71
N LEU A 261 13.30 -18.90 23.64
CA LEU A 261 11.96 -18.99 23.08
C LEU A 261 11.81 -20.22 22.18
N GLY A 262 12.94 -20.84 21.84
CA GLY A 262 12.96 -22.01 21.00
C GLY A 262 12.44 -21.81 19.57
N LEU A 263 12.69 -20.63 19.01
CA LEU A 263 12.24 -20.36 17.66
C LEU A 263 13.31 -20.71 16.63
N LYS A 264 12.84 -21.20 15.49
CA LYS A 264 13.69 -21.41 14.33
C LYS A 264 12.84 -21.18 13.09
N TRP A 265 13.48 -21.10 11.94
CA TRP A 265 12.76 -21.11 10.66
C TRP A 265 13.58 -21.85 9.61
N TYR A 266 12.94 -22.18 8.49
CA TYR A 266 13.64 -22.85 7.41
C TYR A 266 14.26 -21.83 6.44
N GLY A 267 15.37 -22.19 5.82
CA GLY A 267 16.10 -21.27 4.96
C GLY A 267 15.55 -21.03 3.56
N LEU A 268 14.80 -21.99 3.04
CA LEU A 268 14.40 -21.92 1.62
C LEU A 268 12.91 -21.67 1.43
N PRO A 269 12.56 -20.46 0.96
CA PRO A 269 11.17 -20.17 0.63
C PRO A 269 10.84 -20.68 -0.77
N ALA A 270 9.94 -21.64 -0.86
CA ALA A 270 9.67 -22.26 -2.14
C ALA A 270 8.17 -22.42 -2.37
N VAL A 271 7.55 -21.42 -2.99
CA VAL A 271 6.12 -21.48 -3.23
C VAL A 271 5.84 -22.54 -4.29
N SER A 272 4.85 -23.38 -4.02
CA SER A 272 4.60 -24.55 -4.87
C SER A 272 3.16 -24.67 -5.33
N ASN A 273 2.32 -23.65 -5.08
CA ASN A 273 0.92 -23.79 -5.47
C ASN A 273 0.49 -22.85 -6.57
N MET A 274 1.44 -22.18 -7.21
CA MET A 274 1.08 -21.28 -8.30
C MET A 274 1.12 -21.97 -9.64
N LEU A 275 0.53 -21.31 -10.64
CA LEU A 275 0.47 -21.81 -12.00
C LEU A 275 1.32 -20.93 -12.92
N LEU A 276 2.11 -21.56 -13.77
CA LEU A 276 2.94 -20.85 -14.74
C LEU A 276 2.26 -20.89 -16.12
N GLU A 277 2.06 -19.72 -16.70
CA GLU A 277 1.41 -19.64 -17.99
C GLU A 277 2.38 -19.12 -19.06
N ILE A 278 2.73 -19.98 -20.02
CA ILE A 278 3.56 -19.58 -21.17
C ILE A 278 2.87 -19.89 -22.50
N GLY A 279 2.66 -18.84 -23.31
CA GLY A 279 2.02 -18.95 -24.61
C GLY A 279 0.69 -19.68 -24.63
N GLY A 280 -0.10 -19.51 -23.58
CA GLY A 280 -1.36 -20.23 -23.47
C GLY A 280 -1.24 -21.64 -22.89
N LEU A 281 -0.04 -22.04 -22.51
CA LEU A 281 0.16 -23.32 -21.86
C LEU A 281 0.12 -23.16 -20.34
N GLU A 282 -0.45 -24.14 -19.65
CA GLU A 282 -0.66 -24.06 -18.21
C GLU A 282 0.11 -25.12 -17.45
N PHE A 283 1.13 -24.68 -16.72
CA PHE A 283 1.96 -25.55 -15.90
C PHE A 283 1.52 -25.46 -14.46
N SER A 284 0.62 -26.35 -14.10
CA SER A 284 -0.05 -26.34 -12.80
C SER A 284 0.86 -26.78 -11.65
N ALA A 285 2.04 -27.32 -11.99
CA ALA A 285 3.04 -27.63 -10.98
C ALA A 285 4.42 -27.13 -11.41
N CYS A 286 4.83 -26.04 -10.79
CA CYS A 286 6.05 -25.33 -11.14
C CYS A 286 6.73 -24.73 -9.93
N PRO A 287 7.03 -25.54 -8.90
CA PRO A 287 7.61 -24.93 -7.70
C PRO A 287 8.88 -24.08 -7.96
N PHE A 288 8.93 -22.89 -7.36
CA PHE A 288 10.07 -22.00 -7.57
C PHE A 288 10.55 -21.38 -6.25
N SER A 289 11.83 -21.06 -6.18
CA SER A 289 12.38 -20.61 -4.91
C SER A 289 13.44 -19.52 -5.10
N GLY A 290 13.57 -18.65 -4.11
CA GLY A 290 14.63 -17.66 -4.10
C GLY A 290 15.27 -17.70 -2.73
N TRP A 291 15.30 -16.53 -2.07
CA TRP A 291 15.67 -16.41 -0.67
C TRP A 291 14.83 -15.34 0.04
N TYR A 292 14.80 -15.42 1.36
CA TYR A 292 13.93 -14.57 2.17
C TYR A 292 14.38 -13.11 2.28
N MET A 293 13.40 -12.22 2.20
CA MET A 293 13.52 -10.90 2.82
C MET A 293 13.17 -11.11 4.27
N GLY A 294 13.98 -10.59 5.19
CA GLY A 294 13.78 -10.77 6.63
C GLY A 294 12.36 -10.60 7.18
N THR A 295 11.67 -9.59 6.69
CA THR A 295 10.33 -9.26 7.15
C THR A 295 9.29 -10.35 6.89
N GLU A 296 9.51 -11.20 5.90
CA GLU A 296 8.55 -12.26 5.60
C GLU A 296 8.44 -13.20 6.78
N ILE A 297 9.58 -13.41 7.46
CA ILE A 297 9.61 -14.24 8.66
C ILE A 297 9.37 -13.44 9.94
N GLY A 298 10.20 -12.42 10.13
CA GLY A 298 10.17 -11.57 11.33
C GLY A 298 8.90 -10.79 11.61
N VAL A 299 8.19 -10.38 10.56
CA VAL A 299 6.99 -9.57 10.74
C VAL A 299 5.71 -10.37 10.49
N ARG A 300 5.71 -11.15 9.41
CA ARG A 300 4.51 -11.86 8.99
C ARG A 300 4.38 -13.24 9.67
N ASP A 301 5.30 -14.16 9.38
CA ASP A 301 5.29 -15.54 9.93
C ASP A 301 5.23 -15.56 11.45
N TYR A 302 5.87 -14.56 12.09
CA TYR A 302 6.05 -14.57 13.53
C TYR A 302 5.08 -13.70 14.34
N CYS A 303 4.71 -12.55 13.77
CA CYS A 303 3.97 -11.52 14.52
C CYS A 303 2.53 -11.31 14.08
N ASP A 304 2.14 -11.89 12.95
CA ASP A 304 0.72 -11.94 12.58
C ASP A 304 -0.04 -12.64 13.71
N ASN A 305 -1.19 -12.09 14.07
CA ASN A 305 -2.02 -12.69 15.09
C ASN A 305 -2.41 -14.15 14.76
N SER A 306 -2.67 -14.40 13.48
CA SER A 306 -3.12 -15.72 13.02
C SER A 306 -1.96 -16.61 12.59
N ARG A 307 -0.74 -16.21 12.96
CA ARG A 307 0.43 -17.04 12.70
C ARG A 307 1.04 -17.48 14.03
N TYR A 308 2.35 -17.31 14.21
CA TYR A 308 2.97 -17.74 15.46
C TYR A 308 2.73 -16.78 16.62
N ASN A 309 2.33 -15.54 16.30
CA ASN A 309 1.83 -14.55 17.28
C ASN A 309 2.63 -14.47 18.60
N ILE A 310 3.89 -14.09 18.48
CA ILE A 310 4.84 -14.12 19.61
C ILE A 310 5.14 -12.73 20.17
N LEU A 311 4.55 -11.72 19.54
CA LEU A 311 4.73 -10.33 19.98
C LEU A 311 4.56 -10.21 21.48
N GLU A 312 3.50 -10.82 22.00
CA GLU A 312 3.19 -10.73 23.42
C GLU A 312 4.32 -11.31 24.25
N GLU A 313 4.67 -12.56 23.97
CA GLU A 313 5.69 -13.23 24.76
C GLU A 313 7.04 -12.52 24.67
N VAL A 314 7.40 -12.00 23.49
CA VAL A 314 8.63 -11.23 23.36
C VAL A 314 8.59 -9.93 24.15
N ALA A 315 7.45 -9.25 24.11
CA ALA A 315 7.32 -7.98 24.81
C ALA A 315 7.44 -8.16 26.33
N LYS A 316 6.89 -9.26 26.83
CA LYS A 316 7.01 -9.65 28.24
C LYS A 316 8.46 -9.75 28.71
N LYS A 317 9.26 -10.47 27.94
CA LYS A 317 10.68 -10.64 28.24
C LYS A 317 11.47 -9.34 28.07
N MET A 318 10.92 -8.41 27.30
CA MET A 318 11.52 -7.08 27.15
C MET A 318 11.07 -6.17 28.28
N ASN A 319 10.14 -6.67 29.10
CA ASN A 319 9.56 -5.92 30.20
C ASN A 319 9.00 -4.58 29.75
N LEU A 320 8.11 -4.63 28.76
CA LEU A 320 7.48 -3.44 28.19
C LEU A 320 6.12 -3.22 28.86
N ASP A 321 5.66 -1.96 28.90
CA ASP A 321 4.30 -1.69 29.35
C ASP A 321 3.35 -2.15 28.26
N MET A 322 2.51 -3.13 28.56
CA MET A 322 1.59 -3.69 27.56
C MET A 322 0.12 -3.32 27.83
N ARG A 323 -0.09 -2.29 28.65
CA ARG A 323 -1.44 -1.84 28.98
C ARG A 323 -1.96 -0.73 28.07
N LYS A 324 -1.05 0.10 27.57
CA LYS A 324 -1.42 1.10 26.57
C LYS A 324 -0.96 0.63 25.21
N THR A 325 -1.66 1.03 24.15
CA THR A 325 -1.13 0.81 22.81
C THR A 325 -0.20 1.97 22.47
N SER A 326 -0.43 3.12 23.09
CA SER A 326 0.33 4.32 22.77
C SER A 326 1.76 4.23 23.28
N SER A 327 2.04 3.27 24.16
CA SER A 327 3.42 2.91 24.48
C SER A 327 4.18 2.39 23.26
N LEU A 328 3.45 1.89 22.26
CA LEU A 328 4.05 1.29 21.06
C LEU A 328 4.91 0.04 21.36
N TRP A 329 4.50 -0.72 22.36
CA TRP A 329 5.25 -1.88 22.79
C TRP A 329 5.35 -2.89 21.65
N LYS A 330 4.26 -3.06 20.93
CA LYS A 330 4.22 -3.94 19.77
C LYS A 330 5.24 -3.54 18.73
N ASP A 331 5.29 -2.24 18.45
CA ASP A 331 6.20 -1.73 17.41
C ASP A 331 7.65 -2.03 17.83
N GLN A 332 7.88 -1.91 19.12
CA GLN A 332 9.22 -2.02 19.68
C GLN A 332 9.71 -3.47 19.69
N ALA A 333 8.79 -4.39 19.96
CA ALA A 333 9.13 -5.82 19.95
C ALA A 333 9.35 -6.32 18.52
N LEU A 334 8.56 -5.80 17.59
CA LEU A 334 8.61 -6.14 16.19
C LEU A 334 9.99 -5.91 15.59
N VAL A 335 10.61 -4.79 15.95
CA VAL A 335 11.93 -4.45 15.45
C VAL A 335 12.98 -5.42 15.97
N GLU A 336 12.87 -5.79 17.24
CA GLU A 336 13.89 -6.63 17.86
C GLU A 336 13.87 -8.04 17.27
N ILE A 337 12.65 -8.55 17.07
CA ILE A 337 12.41 -9.83 16.46
C ILE A 337 13.02 -9.85 15.07
N ASN A 338 12.87 -8.75 14.35
CA ASN A 338 13.39 -8.68 12.99
C ASN A 338 14.89 -8.52 12.96
N ILE A 339 15.42 -7.89 14.01
CA ILE A 339 16.86 -7.83 14.18
C ILE A 339 17.41 -9.23 14.41
N ALA A 340 16.72 -10.03 15.23
CA ALA A 340 17.19 -11.39 15.57
C ALA A 340 17.21 -12.31 14.36
N VAL A 341 16.16 -12.21 13.55
CA VAL A 341 15.98 -13.04 12.37
C VAL A 341 17.09 -12.75 11.36
N LEU A 342 17.38 -11.48 11.09
CA LEU A 342 18.49 -11.11 10.19
C LEU A 342 19.86 -11.51 10.77
N TYR A 343 20.00 -11.35 12.08
CA TYR A 343 21.24 -11.67 12.77
C TYR A 343 21.56 -13.17 12.74
N SER A 344 20.52 -13.99 12.85
CA SER A 344 20.72 -15.43 12.94
C SER A 344 21.02 -16.02 11.57
N PHE A 345 20.32 -15.55 10.55
CA PHE A 345 20.59 -15.98 9.19
C PHE A 345 22.00 -15.61 8.69
N GLN A 346 22.48 -14.41 9.04
CA GLN A 346 23.78 -13.95 8.60
C GLN A 346 24.88 -14.70 9.36
N SER A 347 24.63 -14.96 10.63
CA SER A 347 25.58 -15.69 11.46
C SER A 347 25.83 -17.13 10.97
N ASP A 348 24.82 -17.70 10.32
CA ASP A 348 24.89 -19.08 9.84
C ASP A 348 25.17 -19.13 8.35
N LYS A 349 25.52 -17.98 7.78
CA LYS A 349 25.84 -17.83 6.36
C LYS A 349 24.75 -18.40 5.46
N VAL A 350 23.51 -18.15 5.85
CA VAL A 350 22.38 -18.48 5.02
C VAL A 350 21.86 -17.17 4.39
N THR A 351 21.66 -17.20 3.07
CA THR A 351 21.29 -16.01 2.32
C THR A 351 19.96 -15.42 2.78
N ILE A 352 19.98 -14.13 3.09
CA ILE A 352 18.81 -13.36 3.49
C ILE A 352 19.06 -11.89 3.13
N VAL A 353 18.01 -11.16 2.81
CA VAL A 353 18.15 -9.72 2.52
C VAL A 353 17.23 -8.90 3.44
N ASP A 354 17.73 -7.77 3.96
CA ASP A 354 16.85 -6.92 4.77
C ASP A 354 16.01 -6.04 3.86
N HIS A 355 14.90 -5.54 4.40
CA HIS A 355 13.94 -4.80 3.61
C HIS A 355 14.51 -3.48 3.07
N HIS A 356 15.56 -2.93 3.69
CA HIS A 356 16.20 -1.72 3.15
C HIS A 356 17.00 -2.02 1.88
N SER A 357 17.88 -3.02 1.95
CA SER A 357 18.69 -3.45 0.80
CA SER A 357 18.69 -3.41 0.80
C SER A 357 17.81 -3.86 -0.38
N ALA A 358 16.78 -4.66 -0.08
CA ALA A 358 15.86 -5.15 -1.08
C ALA A 358 15.11 -4.03 -1.82
N THR A 359 14.54 -3.09 -1.08
CA THR A 359 13.73 -2.06 -1.73
C THR A 359 14.63 -1.09 -2.50
N GLU A 360 15.83 -0.82 -2.01
CA GLU A 360 16.78 -0.03 -2.78
C GLU A 360 17.21 -0.73 -4.09
N SER A 361 17.49 -2.04 -4.03
CA SER A 361 17.82 -2.77 -5.25
C SER A 361 16.68 -2.68 -6.24
N PHE A 362 15.47 -2.89 -5.74
CA PHE A 362 14.31 -2.91 -6.60
C PHE A 362 14.07 -1.54 -7.28
N ILE A 363 14.31 -0.45 -6.56
CA ILE A 363 14.17 0.85 -7.21
C ILE A 363 15.17 0.96 -8.37
N LYS A 364 16.42 0.58 -8.10
CA LYS A 364 17.44 0.52 -9.15
C LYS A 364 17.00 -0.36 -10.31
N HIS A 365 16.50 -1.55 -9.98
CA HIS A 365 15.94 -2.47 -10.97
C HIS A 365 14.83 -1.83 -11.80
N MET A 366 13.84 -1.25 -11.13
CA MET A 366 12.71 -0.64 -11.81
C MET A 366 13.16 0.47 -12.77
N GLU A 367 14.19 1.22 -12.37
CA GLU A 367 14.71 2.28 -13.21
C GLU A 367 15.29 1.71 -14.50
N ASN A 368 16.16 0.72 -14.37
CA ASN A 368 16.77 0.03 -15.53
C ASN A 368 15.72 -0.50 -16.51
N GLU A 369 14.69 -1.14 -15.95
CA GLU A 369 13.56 -1.67 -16.72
C GLU A 369 12.81 -0.62 -17.51
N TYR A 370 12.49 0.49 -16.85
CA TYR A 370 11.82 1.59 -17.52
C TYR A 370 12.67 2.06 -18.69
N ARG A 371 13.97 2.18 -18.44
CA ARG A 371 14.90 2.68 -19.45
C ARG A 371 15.22 1.67 -20.57
N CYS A 372 15.35 0.40 -20.28
CA CYS A 372 15.73 -0.59 -21.31
CA CYS A 372 15.71 -0.56 -21.32
C CYS A 372 14.53 -1.36 -21.85
N ARG A 373 13.44 -1.41 -21.08
CA ARG A 373 12.31 -2.24 -21.45
C ARG A 373 11.06 -1.42 -21.72
N GLY A 374 11.07 -0.17 -21.24
CA GLY A 374 9.94 0.74 -21.39
C GLY A 374 8.90 0.53 -20.32
N GLY A 375 9.32 -0.03 -19.18
CA GLY A 375 8.41 -0.19 -18.06
C GLY A 375 8.71 -1.34 -17.12
N CYS A 376 7.99 -1.37 -16.02
CA CYS A 376 8.10 -2.44 -15.03
C CYS A 376 6.84 -2.48 -14.17
N PRO A 377 5.97 -3.47 -14.44
CA PRO A 377 4.75 -3.60 -13.63
C PRO A 377 5.08 -3.82 -12.14
N ALA A 378 4.38 -3.13 -11.25
CA ALA A 378 4.64 -3.28 -9.83
C ALA A 378 3.40 -2.99 -9.01
N ASP A 379 3.23 -3.78 -7.95
CA ASP A 379 2.09 -3.70 -7.05
C ASP A 379 2.57 -3.12 -5.72
N TRP A 380 2.33 -1.82 -5.55
CA TRP A 380 2.83 -1.08 -4.40
C TRP A 380 2.36 -1.68 -3.07
N VAL A 381 1.12 -2.19 -3.04
CA VAL A 381 0.55 -2.78 -1.83
C VAL A 381 1.35 -3.98 -1.36
N TRP A 382 2.03 -4.62 -2.30
CA TRP A 382 2.86 -5.80 -2.01
C TRP A 382 4.34 -5.47 -1.92
N ILE A 383 4.80 -4.56 -2.80
CA ILE A 383 6.21 -4.20 -2.84
C ILE A 383 6.68 -3.53 -1.54
N VAL A 384 5.85 -2.65 -0.97
CA VAL A 384 6.23 -1.97 0.27
C VAL A 384 6.20 -2.94 1.45
N PRO A 385 7.29 -2.98 2.23
CA PRO A 385 7.47 -3.90 3.37
C PRO A 385 6.41 -3.71 4.46
N PRO A 386 6.13 -4.75 5.25
CA PRO A 386 5.08 -4.73 6.28
C PRO A 386 5.52 -4.06 7.58
N MET A 387 6.74 -3.50 7.60
CA MET A 387 7.19 -2.64 8.69
C MET A 387 8.04 -1.51 8.11
N SER A 388 8.07 -0.37 8.81
CA SER A 388 8.92 0.76 8.45
C SER A 388 8.77 1.20 7.00
N GLY A 389 7.55 1.09 6.48
CA GLY A 389 7.29 1.31 5.07
C GLY A 389 7.85 2.60 4.47
N SER A 390 7.56 3.72 5.12
CA SER A 390 7.89 5.01 4.55
C SER A 390 9.38 5.35 4.63
N ILE A 391 10.14 4.63 5.44
CA ILE A 391 11.58 4.90 5.45
C ILE A 391 12.32 3.94 4.50
N THR A 392 11.56 3.28 3.61
CA THR A 392 12.12 2.55 2.48
C THR A 392 11.81 3.30 1.20
N PRO A 393 12.70 3.20 0.19
CA PRO A 393 12.48 4.08 -0.96
C PRO A 393 11.30 3.71 -1.87
N VAL A 394 10.69 2.53 -1.72
CA VAL A 394 9.57 2.19 -2.60
C VAL A 394 8.27 2.87 -2.17
N PHE A 395 8.16 3.19 -0.88
CA PHE A 395 6.98 3.91 -0.36
C PHE A 395 6.66 5.16 -1.14
N HIS A 396 7.70 5.91 -1.50
CA HIS A 396 7.53 7.21 -2.14
C HIS A 396 7.51 7.13 -3.65
N GLN A 397 7.68 5.90 -4.15
CA GLN A 397 7.74 5.66 -5.59
C GLN A 397 6.36 5.38 -6.16
N GLU A 398 5.96 6.11 -7.18
CA GLU A 398 4.75 5.76 -7.87
C GLU A 398 5.01 4.55 -8.75
N MET A 399 4.05 3.64 -8.78
CA MET A 399 4.16 2.43 -9.58
C MET A 399 2.92 2.34 -10.43
N LEU A 400 3.06 1.71 -11.59
CA LEU A 400 1.91 1.28 -12.37
C LEU A 400 1.77 -0.23 -12.30
N ASN A 401 0.55 -0.73 -12.15
CA ASN A 401 0.36 -2.16 -12.12
C ASN A 401 -0.42 -2.70 -13.32
N TYR A 402 0.10 -3.76 -13.92
CA TYR A 402 -0.56 -4.37 -15.08
C TYR A 402 0.01 -5.74 -15.37
N ARG A 403 -0.80 -6.56 -16.03
CA ARG A 403 -0.50 -7.97 -16.19
C ARG A 403 0.13 -8.28 -17.55
N LEU A 404 1.43 -8.58 -17.55
CA LEU A 404 2.08 -9.12 -18.74
C LEU A 404 2.16 -10.63 -18.70
N THR A 405 2.36 -11.22 -19.87
CA THR A 405 2.52 -12.66 -20.03
C THR A 405 3.89 -12.91 -20.68
N PRO A 406 4.58 -14.02 -20.35
CA PRO A 406 4.27 -15.15 -19.45
C PRO A 406 4.08 -14.70 -18.02
N SER A 407 3.33 -15.47 -17.23
CA SER A 407 3.03 -15.05 -15.87
C SER A 407 2.80 -16.20 -14.89
N PHE A 408 2.98 -15.89 -13.61
CA PHE A 408 2.55 -16.74 -12.51
C PHE A 408 1.13 -16.30 -12.04
N GLU A 409 0.25 -17.28 -11.86
CA GLU A 409 -1.14 -17.09 -11.48
C GLU A 409 -1.49 -17.91 -10.25
N TYR A 410 -2.51 -17.48 -9.52
CA TYR A 410 -3.07 -18.30 -8.47
C TYR A 410 -3.95 -19.34 -9.11
N GLN A 411 -4.22 -20.41 -8.35
CA GLN A 411 -5.13 -21.43 -8.79
C GLN A 411 -5.87 -21.98 -7.57
N PRO A 412 -7.04 -22.59 -7.78
CA PRO A 412 -7.74 -23.20 -6.63
C PRO A 412 -6.92 -24.30 -5.97
N ASP A 413 -7.13 -24.48 -4.68
CA ASP A 413 -6.56 -25.61 -3.95
C ASP A 413 -7.04 -26.94 -4.53
N PRO A 414 -6.13 -27.89 -4.71
CA PRO A 414 -6.48 -29.09 -5.48
C PRO A 414 -7.51 -29.97 -4.78
N TRP A 415 -7.54 -29.97 -3.45
CA TRP A 415 -8.53 -30.80 -2.78
C TRP A 415 -9.96 -30.33 -3.02
N ASN A 416 -10.12 -29.12 -3.54
CA ASN A 416 -11.47 -28.62 -3.78
C ASN A 416 -11.99 -29.08 -5.13
N THR A 417 -11.08 -29.36 -6.05
CA THR A 417 -11.46 -29.73 -7.41
C THR A 417 -11.19 -31.20 -7.74
N HIS A 418 -10.27 -31.82 -7.02
CA HIS A 418 -9.80 -33.17 -7.35
C HIS A 418 -10.93 -34.19 -7.32
N VAL A 419 -10.96 -35.04 -8.34
CA VAL A 419 -11.89 -36.16 -8.41
C VAL A 419 -11.20 -37.39 -7.87
N TRP A 420 -11.56 -37.80 -6.66
CA TRP A 420 -10.87 -38.91 -6.01
C TRP A 420 -11.18 -40.22 -6.72
N LYS A 421 -10.14 -40.96 -7.04
CA LYS A 421 -10.29 -42.19 -7.81
C LYS A 421 -10.81 -43.33 -6.94
N ARG B 3 -22.85 -4.74 -10.20
CA ARG B 3 -22.86 -5.96 -9.40
C ARG B 3 -22.32 -5.73 -7.99
N PHE B 4 -22.88 -6.44 -7.00
CA PHE B 4 -22.38 -6.42 -5.62
C PHE B 4 -20.91 -6.77 -5.58
N LEU B 5 -20.18 -6.32 -4.55
CA LEU B 5 -18.76 -6.65 -4.44
C LEU B 5 -18.34 -6.95 -3.01
N LYS B 6 -17.52 -7.99 -2.84
CA LYS B 6 -17.13 -8.42 -1.50
C LYS B 6 -15.70 -8.01 -1.14
N VAL B 7 -15.53 -7.58 0.10
CA VAL B 7 -14.21 -7.32 0.66
C VAL B 7 -14.03 -8.25 1.83
N LYS B 8 -12.83 -8.80 1.97
CA LYS B 8 -12.58 -9.76 3.02
C LYS B 8 -11.51 -9.22 3.92
N ASN B 9 -11.66 -9.45 5.22
CA ASN B 9 -10.56 -9.26 6.13
C ASN B 9 -9.90 -10.62 6.34
N TRP B 10 -8.61 -10.72 6.03
CA TRP B 10 -7.95 -12.00 6.04
C TRP B 10 -7.51 -12.43 7.44
N GLU B 11 -7.65 -11.52 8.40
CA GLU B 11 -7.34 -11.84 9.78
C GLU B 11 -8.56 -12.39 10.49
N THR B 12 -9.72 -11.78 10.26
CA THR B 12 -10.96 -12.18 10.93
C THR B 12 -11.84 -13.05 10.04
N GLU B 13 -11.55 -13.03 8.75
CA GLU B 13 -12.30 -13.76 7.72
C GLU B 13 -13.69 -13.16 7.53
N VAL B 14 -13.89 -11.97 8.11
CA VAL B 14 -15.15 -11.25 7.94
C VAL B 14 -15.24 -10.74 6.51
N VAL B 15 -16.43 -10.85 5.93
CA VAL B 15 -16.71 -10.36 4.59
C VAL B 15 -17.81 -9.30 4.63
N LEU B 16 -17.60 -8.19 3.93
CA LEU B 16 -18.62 -7.14 3.82
C LEU B 16 -19.04 -6.99 2.36
N THR B 17 -20.27 -6.55 2.12
CA THR B 17 -20.76 -6.50 0.74
C THR B 17 -21.01 -5.06 0.28
N ASP B 18 -20.27 -4.64 -0.74
CA ASP B 18 -20.34 -3.27 -1.20
C ASP B 18 -21.36 -3.08 -2.30
N THR B 19 -22.28 -2.15 -2.06
CA THR B 19 -23.31 -1.81 -3.02
C THR B 19 -23.23 -0.32 -3.32
N LEU B 20 -22.58 0.42 -2.43
CA LEU B 20 -22.53 1.87 -2.49
C LEU B 20 -21.72 2.34 -3.69
N HIS B 21 -20.75 1.52 -4.11
CA HIS B 21 -19.86 1.82 -5.25
C HIS B 21 -20.64 2.02 -6.54
N LEU B 22 -21.87 1.50 -6.58
CA LEU B 22 -22.73 1.68 -7.74
C LEU B 22 -23.22 3.12 -7.92
N LYS B 23 -22.91 3.97 -6.95
CA LYS B 23 -23.45 5.33 -6.93
C LYS B 23 -22.46 6.39 -7.38
N SER B 24 -21.21 6.00 -7.63
CA SER B 24 -20.23 7.00 -8.04
C SER B 24 -20.34 7.26 -9.54
N THR B 25 -19.68 8.31 -10.00
CA THR B 25 -19.79 8.75 -11.37
C THR B 25 -18.45 9.33 -11.83
N LEU B 26 -17.69 9.82 -10.85
CA LEU B 26 -16.35 10.32 -11.08
C LEU B 26 -15.40 9.17 -11.44
N GLU B 27 -14.20 9.51 -11.89
CA GLU B 27 -13.24 8.49 -12.33
C GLU B 27 -12.05 8.35 -11.38
N THR B 28 -11.56 7.12 -11.25
CA THR B 28 -10.52 6.80 -10.27
C THR B 28 -9.11 6.91 -10.84
N GLY B 29 -8.97 6.73 -12.15
CA GLY B 29 -7.67 6.85 -12.78
C GLY B 29 -7.19 5.53 -13.35
N CYS B 30 -7.74 4.44 -12.86
CA CYS B 30 -7.43 3.11 -13.37
C CYS B 30 -8.24 2.82 -14.63
N THR B 31 -7.81 1.79 -15.35
CA THR B 31 -8.64 1.16 -16.37
C THR B 31 -8.64 -0.33 -16.10
N GLU B 32 -9.34 -1.07 -16.96
CA GLU B 32 -9.39 -2.53 -16.86
C GLU B 32 -8.00 -3.17 -17.01
N TYR B 33 -7.07 -2.45 -17.63
CA TYR B 33 -5.78 -3.05 -17.95
C TYR B 33 -4.63 -2.45 -17.14
N ILE B 34 -4.81 -1.22 -16.67
CA ILE B 34 -3.78 -0.57 -15.85
C ILE B 34 -4.35 -0.11 -14.52
N CYS B 35 -3.73 -0.52 -13.43
CA CYS B 35 -4.14 -0.01 -12.13
C CYS B 35 -3.18 1.10 -11.70
N MET B 36 -3.75 2.26 -11.35
CA MET B 36 -2.96 3.40 -10.90
C MET B 36 -3.23 3.73 -9.44
N GLY B 37 -3.51 2.71 -8.64
CA GLY B 37 -3.78 2.87 -7.22
C GLY B 37 -2.67 3.51 -6.38
N SER B 38 -1.46 3.61 -6.93
CA SER B 38 -0.34 4.19 -6.19
C SER B 38 0.08 5.56 -6.76
N ILE B 39 -0.71 6.10 -7.69
CA ILE B 39 -0.42 7.41 -8.26
C ILE B 39 -1.04 8.48 -7.36
N MET B 40 -0.27 9.51 -6.99
CA MET B 40 -0.78 10.47 -6.02
C MET B 40 -1.85 11.39 -6.63
N HIS B 41 -1.61 11.87 -7.85
CA HIS B 41 -2.57 12.72 -8.54
C HIS B 41 -2.87 12.17 -9.94
N PRO B 42 -3.86 11.28 -10.06
CA PRO B 42 -4.08 10.76 -11.41
C PRO B 42 -4.77 11.79 -12.30
N SER B 43 -4.39 11.78 -13.58
CA SER B 43 -4.83 12.78 -14.54
C SER B 43 -4.55 12.34 -15.97
N ALA B 53 -17.08 25.95 -14.63
CA ALA B 53 -18.02 25.05 -15.28
C ALA B 53 -18.83 25.77 -16.35
N THR B 54 -20.10 25.38 -16.50
CA THR B 54 -21.07 26.08 -17.33
C THR B 54 -22.48 25.85 -16.76
N LYS B 55 -23.45 26.63 -17.21
CA LYS B 55 -24.85 26.44 -16.82
C LYS B 55 -25.32 25.02 -17.15
N ASP B 56 -24.91 24.55 -18.33
CA ASP B 56 -25.39 23.31 -18.92
C ASP B 56 -24.89 22.08 -18.16
N GLN B 57 -23.67 22.19 -17.63
CA GLN B 57 -23.09 21.17 -16.79
C GLN B 57 -23.62 21.25 -15.35
N LEU B 58 -23.96 22.45 -14.92
CA LEU B 58 -24.19 22.71 -13.50
C LEU B 58 -25.47 22.08 -12.94
N PHE B 59 -26.61 22.29 -13.60
CA PHE B 59 -27.88 21.82 -13.04
C PHE B 59 -27.94 20.33 -12.69
N PRO B 60 -27.51 19.42 -13.60
CA PRO B 60 -27.58 18.00 -13.24
C PRO B 60 -26.77 17.66 -11.99
N LEU B 61 -25.61 18.28 -11.85
CA LEU B 61 -24.78 18.12 -10.66
C LEU B 61 -25.51 18.63 -9.43
N ALA B 62 -26.19 19.76 -9.59
CA ALA B 62 -26.97 20.34 -8.52
C ALA B 62 -28.14 19.42 -8.17
N LYS B 63 -28.86 18.98 -9.19
CA LYS B 63 -30.00 18.09 -8.99
C LYS B 63 -29.59 16.81 -8.25
N GLU B 64 -28.43 16.29 -8.59
CA GLU B 64 -27.94 15.07 -7.95
C GLU B 64 -27.70 15.29 -6.46
N PHE B 65 -27.05 16.40 -6.12
CA PHE B 65 -26.77 16.72 -4.73
C PHE B 65 -28.03 17.05 -3.93
N ILE B 66 -28.95 17.80 -4.53
CA ILE B 66 -30.19 18.14 -3.82
C ILE B 66 -30.95 16.85 -3.51
N ASP B 67 -30.98 15.92 -4.48
CA ASP B 67 -31.71 14.66 -4.34
C ASP B 67 -31.15 13.82 -3.20
N GLN B 68 -29.82 13.73 -3.16
CA GLN B 68 -29.12 13.02 -2.10
C GLN B 68 -29.43 13.62 -0.74
N TYR B 69 -29.44 14.95 -0.67
CA TYR B 69 -29.74 15.65 0.57
C TYR B 69 -31.14 15.32 1.11
N TYR B 70 -32.16 15.56 0.29
CA TYR B 70 -33.53 15.35 0.75
C TYR B 70 -33.78 13.87 1.00
N SER B 71 -33.02 13.02 0.33
CA SER B 71 -33.08 11.60 0.60
C SER B 71 -32.49 11.32 1.98
N SER B 72 -31.45 12.05 2.34
CA SER B 72 -30.80 11.87 3.64
C SER B 72 -31.72 12.25 4.79
N ILE B 73 -32.46 13.34 4.64
CA ILE B 73 -33.38 13.79 5.69
C ILE B 73 -34.78 13.17 5.53
N LYS B 74 -34.88 12.12 4.72
CA LYS B 74 -36.13 11.38 4.50
C LYS B 74 -37.32 12.28 4.15
N ARG B 75 -37.10 13.15 3.17
CA ARG B 75 -38.15 14.00 2.64
C ARG B 75 -38.03 14.02 1.12
N PHE B 76 -37.63 12.87 0.56
CA PHE B 76 -37.46 12.71 -0.88
C PHE B 76 -38.80 12.82 -1.60
N GLY B 77 -38.87 13.70 -2.59
CA GLY B 77 -40.09 13.92 -3.33
C GLY B 77 -41.11 14.76 -2.59
N SER B 78 -40.71 15.28 -1.43
CA SER B 78 -41.58 16.15 -0.65
C SER B 78 -41.78 17.49 -1.34
N LYS B 79 -42.74 18.26 -0.83
CA LYS B 79 -42.96 19.62 -1.32
C LYS B 79 -41.67 20.43 -1.29
N ALA B 80 -40.97 20.38 -0.15
CA ALA B 80 -39.76 21.17 0.03
C ALA B 80 -38.75 20.83 -1.04
N HIS B 81 -38.56 19.52 -1.24
CA HIS B 81 -37.67 19.00 -2.26
C HIS B 81 -37.99 19.59 -3.64
N MET B 82 -39.24 19.44 -4.08
CA MET B 82 -39.66 19.89 -5.40
C MET B 82 -39.27 21.36 -5.62
N GLU B 83 -39.69 22.23 -4.71
CA GLU B 83 -39.44 23.66 -4.87
C GLU B 83 -37.97 24.01 -4.81
N ARG B 84 -37.24 23.40 -3.89
CA ARG B 84 -35.79 23.60 -3.82
C ARG B 84 -35.17 23.41 -5.20
N LEU B 85 -35.56 22.32 -5.86
CA LEU B 85 -35.04 21.98 -7.19
C LEU B 85 -35.32 23.09 -8.21
N GLU B 86 -36.55 23.60 -8.22
CA GLU B 86 -36.90 24.67 -9.15
C GLU B 86 -36.19 25.98 -8.79
N GLU B 87 -36.05 26.24 -7.49
CA GLU B 87 -35.33 27.41 -7.02
C GLU B 87 -33.90 27.42 -7.58
N VAL B 88 -33.29 26.23 -7.62
CA VAL B 88 -31.92 26.09 -8.04
C VAL B 88 -31.78 26.12 -9.56
N ASN B 89 -32.78 25.59 -10.25
CA ASN B 89 -32.81 25.66 -11.70
C ASN B 89 -32.97 27.10 -12.20
N LYS B 90 -33.89 27.84 -11.59
CA LYS B 90 -34.12 29.24 -11.93
C LYS B 90 -32.88 30.09 -11.65
N GLU B 91 -32.12 29.70 -10.63
CA GLU B 91 -30.98 30.50 -10.20
C GLU B 91 -29.77 30.24 -11.11
N ILE B 92 -29.58 28.99 -11.52
CA ILE B 92 -28.56 28.66 -12.52
C ILE B 92 -28.92 29.35 -13.83
N ASP B 93 -30.18 29.22 -14.22
CA ASP B 93 -30.73 29.87 -15.40
C ASP B 93 -30.37 31.35 -15.48
N THR B 94 -30.51 32.05 -14.36
CA THR B 94 -30.47 33.51 -14.35
C THR B 94 -29.17 34.12 -13.78
N THR B 95 -28.28 33.29 -13.25
CA THR B 95 -27.02 33.77 -12.68
C THR B 95 -25.80 32.93 -13.05
N SER B 96 -26.03 31.83 -13.79
CA SER B 96 -25.00 30.88 -14.17
C SER B 96 -24.38 30.13 -12.98
N THR B 97 -25.02 30.24 -11.82
CA THR B 97 -24.58 29.50 -10.63
C THR B 97 -25.73 29.35 -9.65
N TYR B 98 -25.41 28.90 -8.44
CA TYR B 98 -26.35 29.00 -7.34
C TYR B 98 -25.63 28.96 -6.01
N GLN B 99 -26.41 29.20 -4.96
CA GLN B 99 -25.92 29.28 -3.60
C GLN B 99 -26.57 28.19 -2.76
N LEU B 100 -25.76 27.48 -1.99
CA LEU B 100 -26.27 26.44 -1.10
C LEU B 100 -27.02 27.03 0.09
N LYS B 101 -28.10 26.39 0.52
CA LYS B 101 -28.64 26.69 1.82
C LYS B 101 -27.61 26.32 2.89
N ASP B 102 -27.76 26.91 4.07
CA ASP B 102 -26.86 26.62 5.17
C ASP B 102 -26.87 25.12 5.52
N THR B 103 -28.06 24.55 5.63
CA THR B 103 -28.20 23.13 5.90
C THR B 103 -27.41 22.31 4.88
N GLU B 104 -27.54 22.70 3.62
CA GLU B 104 -26.86 22.03 2.52
C GLU B 104 -25.34 22.13 2.65
N LEU B 105 -24.87 23.34 2.98
CA LEU B 105 -23.45 23.59 3.18
C LEU B 105 -22.87 22.67 4.23
N ILE B 106 -23.54 22.58 5.38
CA ILE B 106 -23.15 21.68 6.46
C ILE B 106 -23.16 20.19 6.03
N TYR B 107 -24.26 19.75 5.43
CA TYR B 107 -24.39 18.36 4.98
C TYR B 107 -23.33 18.00 3.95
N GLY B 108 -23.03 18.93 3.06
CA GLY B 108 -22.06 18.73 2.01
C GLY B 108 -20.65 18.62 2.53
N ALA B 109 -20.33 19.44 3.53
CA ALA B 109 -18.99 19.41 4.12
C ALA B 109 -18.73 18.12 4.91
N LYS B 110 -19.69 17.71 5.74
CA LYS B 110 -19.52 16.46 6.49
C LYS B 110 -19.38 15.27 5.53
N HIS B 111 -20.12 15.29 4.43
CA HIS B 111 -20.08 14.16 3.53
C HIS B 111 -18.81 14.18 2.65
N ALA B 112 -18.25 15.36 2.39
CA ALA B 112 -16.95 15.43 1.70
C ALA B 112 -15.89 14.75 2.56
N TRP B 113 -16.01 14.89 3.88
CA TRP B 113 -15.11 14.20 4.79
C TRP B 113 -15.45 12.70 4.85
N ARG B 114 -16.74 12.36 4.85
CA ARG B 114 -17.17 10.97 4.92
C ARG B 114 -16.69 10.19 3.68
N ASN B 115 -16.54 10.91 2.57
CA ASN B 115 -16.16 10.33 1.30
C ASN B 115 -14.67 10.40 1.01
N ALA B 116 -13.89 10.91 1.97
CA ALA B 116 -12.44 11.05 1.76
C ALA B 116 -11.75 9.68 1.89
N SER B 117 -11.59 9.01 0.76
CA SER B 117 -11.10 7.63 0.78
CA SER B 117 -11.05 7.64 0.72
C SER B 117 -9.72 7.49 1.44
N ARG B 118 -8.93 8.56 1.45
CA ARG B 118 -7.59 8.50 2.03
C ARG B 118 -7.50 8.81 3.51
N CYS B 119 -8.65 9.07 4.15
CA CYS B 119 -8.64 9.51 5.55
C CYS B 119 -9.05 8.41 6.51
N VAL B 120 -8.13 8.09 7.41
CA VAL B 120 -8.33 7.03 8.37
C VAL B 120 -9.17 7.49 9.55
N GLY B 121 -9.42 8.79 9.66
CA GLY B 121 -10.08 9.34 10.83
C GLY B 121 -11.58 9.52 10.67
N ARG B 122 -12.16 8.90 9.65
CA ARG B 122 -13.54 9.21 9.30
C ARG B 122 -14.63 8.70 10.26
N ILE B 123 -14.27 8.01 11.34
CA ILE B 123 -15.29 7.58 12.28
C ILE B 123 -15.90 8.82 12.93
N GLN B 124 -15.14 9.90 12.90
CA GLN B 124 -15.49 11.17 13.52
C GLN B 124 -16.36 12.06 12.63
N TRP B 125 -16.63 11.58 11.42
CA TRP B 125 -17.05 12.42 10.30
C TRP B 125 -18.27 13.34 10.55
N SER B 126 -19.24 12.94 11.37
CA SER B 126 -20.45 13.76 11.53
C SER B 126 -20.30 14.77 12.67
N LYS B 127 -19.20 14.63 13.41
CA LYS B 127 -18.75 15.60 14.40
C LYS B 127 -17.83 16.63 13.73
N LEU B 128 -18.40 17.57 12.98
CA LEU B 128 -17.61 18.59 12.31
C LEU B 128 -18.23 19.98 12.50
N GLN B 129 -17.46 20.92 13.02
CA GLN B 129 -17.93 22.29 13.20
C GLN B 129 -17.76 23.05 11.89
N VAL B 130 -18.87 23.43 11.25
CA VAL B 130 -18.77 24.07 9.94
C VAL B 130 -18.89 25.62 9.98
N PHE B 131 -17.83 26.31 9.58
CA PHE B 131 -17.80 27.77 9.56
C PHE B 131 -18.06 28.35 8.17
N ASP B 132 -19.23 28.99 8.05
CA ASP B 132 -19.66 29.64 6.80
C ASP B 132 -19.01 31.01 6.62
N ALA B 133 -18.07 31.11 5.70
CA ALA B 133 -17.38 32.37 5.46
C ALA B 133 -17.67 32.89 4.07
N ARG B 134 -18.83 32.54 3.54
CA ARG B 134 -19.16 32.91 2.19
C ARG B 134 -19.44 34.43 2.03
N ASP B 135 -19.60 35.16 3.13
CA ASP B 135 -19.75 36.61 2.99
C ASP B 135 -18.42 37.35 2.91
N CYS B 136 -17.30 36.61 2.86
CA CYS B 136 -15.97 37.24 2.88
C CYS B 136 -15.60 37.87 1.53
N THR B 137 -14.90 39.00 1.59
CA THR B 137 -14.51 39.76 0.38
C THR B 137 -13.02 40.17 0.31
N THR B 138 -12.34 40.24 1.44
CA THR B 138 -10.95 40.68 1.45
C THR B 138 -10.05 39.68 2.17
N ALA B 139 -8.75 39.84 1.97
CA ALA B 139 -7.75 38.98 2.61
C ALA B 139 -7.74 39.19 4.14
N HIS B 140 -8.09 40.41 4.56
CA HIS B 140 -8.23 40.73 5.98
C HIS B 140 -9.35 39.94 6.61
N GLY B 141 -10.45 39.80 5.89
CA GLY B 141 -11.57 39.03 6.38
C GLY B 141 -11.17 37.57 6.53
N MET B 142 -10.50 37.04 5.52
CA MET B 142 -10.00 35.66 5.50
C MET B 142 -9.18 35.39 6.74
N PHE B 143 -8.20 36.26 6.98
CA PHE B 143 -7.38 36.22 8.19
C PHE B 143 -8.21 36.24 9.47
N ASN B 144 -9.27 37.05 9.51
CA ASN B 144 -10.13 37.07 10.69
C ASN B 144 -10.85 35.73 10.86
N TYR B 145 -11.44 35.25 9.76
CA TYR B 145 -12.08 33.95 9.77
C TYR B 145 -11.12 32.84 10.18
N ILE B 146 -9.86 32.93 9.76
CA ILE B 146 -8.93 31.85 10.02
C ILE B 146 -8.47 31.87 11.48
N CYS B 147 -8.27 33.04 12.05
CA CYS B 147 -7.92 33.09 13.48
C CYS B 147 -9.04 32.51 14.36
N ASN B 148 -10.28 32.83 14.03
CA ASN B 148 -11.45 32.28 14.72
C ASN B 148 -11.48 30.73 14.62
N HIS B 149 -11.21 30.19 13.44
CA HIS B 149 -11.11 28.74 13.23
C HIS B 149 -10.03 28.13 14.14
N VAL B 150 -8.82 28.66 14.03
CA VAL B 150 -7.67 28.16 14.79
C VAL B 150 -7.91 28.16 16.28
N LYS B 151 -8.47 29.27 16.79
CA LYS B 151 -8.73 29.38 18.19
C LYS B 151 -9.80 28.37 18.61
N TYR B 152 -10.84 28.22 17.80
CA TYR B 152 -11.92 27.29 18.12
C TYR B 152 -11.43 25.83 18.09
N ALA B 153 -10.78 25.46 16.99
CA ALA B 153 -10.33 24.08 16.80
C ALA B 153 -9.24 23.69 17.80
N THR B 154 -8.41 24.65 18.21
CA THR B 154 -7.35 24.31 19.17
C THR B 154 -7.94 23.97 20.54
N ASN B 155 -8.88 24.81 21.01
CA ASN B 155 -9.61 24.57 22.27
C ASN B 155 -8.70 24.22 23.46
N LYS B 156 -7.56 24.90 23.53
CA LYS B 156 -6.59 24.73 24.62
C LYS B 156 -6.01 23.30 24.69
N GLY B 157 -6.09 22.56 23.58
CA GLY B 157 -5.54 21.22 23.56
C GLY B 157 -6.57 20.14 23.33
N ASN B 158 -7.78 20.42 23.76
CA ASN B 158 -8.88 19.49 23.49
C ASN B 158 -9.42 19.73 22.08
N LEU B 159 -8.69 19.25 21.07
CA LEU B 159 -8.97 19.66 19.71
C LEU B 159 -10.35 19.26 19.21
N ARG B 160 -10.84 20.02 18.24
CA ARG B 160 -12.21 19.97 17.77
C ARG B 160 -12.17 20.08 16.26
N SER B 161 -12.87 19.21 15.57
CA SER B 161 -12.80 19.20 14.12
C SER B 161 -13.56 20.38 13.53
N ALA B 162 -12.98 21.01 12.51
CA ALA B 162 -13.58 22.21 11.94
C ALA B 162 -13.16 22.46 10.50
N ILE B 163 -14.03 23.19 9.80
CA ILE B 163 -13.75 23.62 8.44
C ILE B 163 -14.34 25.03 8.23
N THR B 164 -13.62 25.87 7.50
CA THR B 164 -14.10 27.21 7.16
C THR B 164 -14.22 27.31 5.63
N ILE B 165 -15.39 27.72 5.15
CA ILE B 165 -15.65 27.74 3.72
C ILE B 165 -15.84 29.17 3.19
N PHE B 166 -14.90 29.58 2.34
CA PHE B 166 -14.86 30.90 1.71
C PHE B 166 -15.70 30.88 0.42
N PRO B 167 -15.95 32.04 -0.22
CA PRO B 167 -16.84 32.03 -1.39
C PRO B 167 -16.41 31.11 -2.53
N GLN B 168 -17.40 30.54 -3.20
CA GLN B 168 -17.16 29.59 -4.30
C GLN B 168 -16.48 30.26 -5.48
N ARG B 169 -15.83 29.47 -6.32
CA ARG B 169 -15.21 29.96 -7.53
C ARG B 169 -16.30 30.50 -8.46
N THR B 170 -16.08 31.68 -9.06
CA THR B 170 -17.08 32.24 -9.96
C THR B 170 -16.69 32.03 -11.41
N ASP B 171 -15.78 32.87 -11.91
CA ASP B 171 -15.31 32.78 -13.29
C ASP B 171 -13.89 32.25 -13.38
N GLY B 172 -13.30 31.95 -12.24
CA GLY B 172 -11.91 31.50 -12.18
C GLY B 172 -10.92 32.65 -12.15
N LYS B 173 -11.40 33.86 -12.38
CA LYS B 173 -10.55 35.05 -12.35
C LYS B 173 -10.53 35.65 -10.95
N HIS B 174 -11.46 35.21 -10.11
CA HIS B 174 -11.62 35.81 -8.80
C HIS B 174 -11.62 34.78 -7.67
N ASP B 175 -10.76 33.78 -7.77
CA ASP B 175 -10.64 32.77 -6.73
C ASP B 175 -10.25 33.35 -5.39
N PHE B 176 -10.74 32.69 -4.34
CA PHE B 176 -10.21 32.81 -2.98
C PHE B 176 -9.23 31.66 -2.77
N ARG B 177 -8.03 31.97 -2.29
CA ARG B 177 -7.02 30.94 -2.07
C ARG B 177 -6.22 31.18 -0.80
N VAL B 178 -6.04 30.14 0.00
CA VAL B 178 -5.01 30.14 1.02
C VAL B 178 -3.74 29.51 0.42
N TRP B 179 -2.72 30.32 0.15
CA TRP B 179 -1.52 29.85 -0.53
C TRP B 179 -0.68 28.90 0.33
N ASN B 180 -0.74 29.04 1.65
CA ASN B 180 -0.17 28.04 2.55
C ASN B 180 -0.84 26.70 2.30
N SER B 181 -0.06 25.62 2.36
CA SER B 181 -0.61 24.28 2.23
C SER B 181 -1.29 23.86 3.54
N GLN B 182 -0.75 24.30 4.67
CA GLN B 182 -1.43 24.20 5.96
C GLN B 182 -1.40 25.53 6.69
N LEU B 183 -2.34 25.75 7.60
CA LEU B 183 -2.42 27.03 8.32
C LEU B 183 -1.19 27.23 9.16
N ILE B 184 -0.72 26.14 9.75
CA ILE B 184 0.44 26.20 10.62
C ILE B 184 1.52 25.25 10.10
N ARG B 185 2.63 25.82 9.63
CA ARG B 185 3.82 25.08 9.16
C ARG B 185 5.09 25.86 9.50
N TYR B 186 6.21 25.16 9.59
CA TYR B 186 7.49 25.83 9.87
C TYR B 186 8.22 26.19 8.58
N ALA B 187 9.01 27.25 8.65
CA ALA B 187 9.74 27.75 7.48
C ALA B 187 10.92 26.86 7.11
N GLY B 188 11.30 26.91 5.84
CA GLY B 188 12.47 26.19 5.37
C GLY B 188 13.36 27.10 4.54
N TYR B 189 14.65 27.17 4.88
CA TYR B 189 15.59 28.09 4.23
C TYR B 189 16.73 27.40 3.51
N LYS B 190 16.94 27.75 2.24
CA LYS B 190 18.08 27.21 1.49
C LYS B 190 19.38 27.81 2.01
N GLN B 191 20.24 26.96 2.54
CA GLN B 191 21.51 27.42 3.07
C GLN B 191 22.57 27.55 1.98
N PRO B 192 23.30 28.67 1.98
CA PRO B 192 24.31 28.99 0.98
C PRO B 192 25.28 27.84 0.67
N ASP B 193 25.47 26.92 1.62
CA ASP B 193 26.37 25.79 1.43
C ASP B 193 25.67 24.60 0.79
N GLY B 194 24.34 24.70 0.63
CA GLY B 194 23.59 23.66 -0.05
C GLY B 194 22.54 22.95 0.79
N SER B 195 22.73 22.95 2.11
CA SER B 195 21.78 22.28 3.00
C SER B 195 20.49 23.09 3.17
N THR B 196 19.64 22.66 4.08
CA THR B 196 18.34 23.30 4.30
C THR B 196 18.04 23.50 5.79
N LEU B 197 17.69 24.73 6.18
CA LEU B 197 17.33 25.02 7.56
C LEU B 197 15.80 25.09 7.72
N GLY B 198 15.28 24.32 8.67
CA GLY B 198 13.85 24.31 8.97
C GLY B 198 13.14 23.10 8.41
N ASP B 199 12.17 23.35 7.53
CA ASP B 199 11.41 22.28 6.90
C ASP B 199 11.59 22.36 5.39
N PRO B 200 12.19 21.32 4.79
CA PRO B 200 12.52 21.35 3.35
C PRO B 200 11.28 21.33 2.43
N ALA B 201 10.15 20.83 2.94
CA ALA B 201 8.91 20.77 2.18
C ALA B 201 8.35 22.16 1.87
N ASN B 202 8.87 23.18 2.56
CA ASN B 202 8.29 24.50 2.50
C ASN B 202 9.24 25.57 1.97
N VAL B 203 10.39 25.15 1.45
CA VAL B 203 11.41 26.10 1.05
C VAL B 203 10.90 27.07 0.00
N GLN B 204 10.15 26.57 -0.98
CA GLN B 204 9.65 27.43 -2.04
C GLN B 204 8.69 28.46 -1.45
N PHE B 205 7.65 27.97 -0.76
CA PHE B 205 6.67 28.85 -0.14
C PHE B 205 7.36 29.87 0.77
N THR B 206 8.41 29.44 1.48
CA THR B 206 9.16 30.33 2.33
C THR B 206 9.83 31.44 1.53
N GLU B 207 10.41 31.09 0.40
CA GLU B 207 11.05 32.09 -0.45
C GLU B 207 10.01 33.04 -1.00
N ILE B 208 8.81 32.52 -1.26
CA ILE B 208 7.74 33.35 -1.81
C ILE B 208 7.27 34.38 -0.79
N CYS B 209 7.24 34.00 0.47
CA CYS B 209 6.91 34.93 1.54
C CYS B 209 8.02 35.97 1.73
N ILE B 210 9.27 35.53 1.62
CA ILE B 210 10.40 36.44 1.77
C ILE B 210 10.35 37.48 0.64
N GLN B 211 10.08 37.00 -0.57
CA GLN B 211 9.93 37.87 -1.74
C GLN B 211 8.76 38.87 -1.57
N GLN B 212 7.79 38.52 -0.74
CA GLN B 212 6.63 39.38 -0.50
C GLN B 212 6.87 40.35 0.65
N GLY B 213 8.04 40.24 1.27
CA GLY B 213 8.43 41.19 2.30
C GLY B 213 8.44 40.61 3.70
N TRP B 214 8.36 39.29 3.82
CA TRP B 214 8.34 38.67 5.15
C TRP B 214 9.75 38.65 5.73
N LYS B 215 9.86 39.02 7.00
CA LYS B 215 11.16 39.07 7.66
C LYS B 215 11.40 37.78 8.42
N PRO B 216 12.25 36.91 7.87
CA PRO B 216 12.46 35.54 8.35
C PRO B 216 13.42 35.45 9.53
N PRO B 217 12.97 34.93 10.68
CA PRO B 217 13.84 34.69 11.83
C PRO B 217 14.98 33.70 11.56
N ARG B 218 14.91 33.01 10.43
CA ARG B 218 15.94 32.05 9.99
C ARG B 218 16.36 31.12 11.11
N GLY B 219 15.34 30.50 11.72
CA GLY B 219 15.52 29.48 12.72
C GLY B 219 14.93 28.19 12.21
N ARG B 220 14.92 27.16 13.06
CA ARG B 220 14.52 25.82 12.63
C ARG B 220 13.01 25.63 12.71
N PHE B 221 12.36 26.30 13.66
CA PHE B 221 10.91 26.22 13.82
C PHE B 221 10.29 27.62 13.85
N ASP B 222 10.34 28.28 12.70
CA ASP B 222 9.65 29.55 12.51
C ASP B 222 8.28 29.32 11.91
N VAL B 223 7.23 29.67 12.66
CA VAL B 223 5.87 29.62 12.14
C VAL B 223 5.76 30.60 10.96
N LEU B 224 5.32 30.10 9.82
CA LEU B 224 5.18 30.91 8.61
C LEU B 224 3.98 31.85 8.68
N PRO B 225 4.03 32.98 7.95
CA PRO B 225 2.87 33.88 7.89
C PRO B 225 1.74 33.32 7.04
N LEU B 226 0.52 33.81 7.25
CA LEU B 226 -0.58 33.51 6.34
C LEU B 226 -0.44 34.38 5.08
N LEU B 227 -0.51 33.75 3.92
CA LEU B 227 -0.48 34.45 2.65
C LEU B 227 -1.85 34.28 2.04
N LEU B 228 -2.64 35.34 1.97
CA LEU B 228 -4.04 35.12 1.64
C LEU B 228 -4.51 35.88 0.41
N GLN B 229 -5.22 35.17 -0.47
CA GLN B 229 -5.73 35.74 -1.70
C GLN B 229 -7.25 35.78 -1.68
N ALA B 230 -7.83 36.96 -1.92
CA ALA B 230 -9.28 37.08 -1.98
C ALA B 230 -9.72 37.62 -3.33
N ASN B 231 -10.80 37.05 -3.87
CA ASN B 231 -11.39 37.55 -5.12
C ASN B 231 -10.39 37.72 -6.28
N GLY B 232 -9.43 36.82 -6.40
CA GLY B 232 -8.43 36.89 -7.46
C GLY B 232 -7.40 38.00 -7.36
N ASN B 233 -7.40 38.74 -6.25
CA ASN B 233 -6.41 39.78 -6.05
C ASN B 233 -5.06 39.20 -5.65
N ASP B 234 -4.00 40.02 -5.70
CA ASP B 234 -2.70 39.67 -5.16
C ASP B 234 -2.84 39.18 -3.72
N PRO B 235 -1.97 38.26 -3.28
CA PRO B 235 -2.06 37.79 -1.90
C PRO B 235 -1.40 38.75 -0.89
N GLU B 236 -1.83 38.70 0.36
CA GLU B 236 -1.33 39.60 1.42
C GLU B 236 -0.83 38.81 2.64
N LEU B 237 0.22 39.30 3.29
CA LEU B 237 0.79 38.58 4.44
C LEU B 237 0.09 38.94 5.75
N PHE B 238 -0.03 37.96 6.65
CA PHE B 238 -0.55 38.19 8.01
C PHE B 238 0.13 37.26 9.02
N GLN B 239 0.48 37.81 10.18
CA GLN B 239 1.03 37.03 11.28
C GLN B 239 -0.07 36.49 12.22
N ILE B 240 -0.17 35.17 12.31
CA ILE B 240 -1.08 34.54 13.26
C ILE B 240 -0.64 34.89 14.69
N PRO B 241 -1.54 35.46 15.50
CA PRO B 241 -1.15 35.80 16.87
C PRO B 241 -0.57 34.58 17.58
N PRO B 242 0.67 34.68 18.10
CA PRO B 242 1.41 33.56 18.69
C PRO B 242 0.62 32.78 19.74
N GLU B 243 -0.21 33.45 20.52
CA GLU B 243 -0.92 32.77 21.60
C GLU B 243 -2.00 31.83 21.05
N LEU B 244 -2.30 31.96 19.77
CA LEU B 244 -3.28 31.09 19.13
C LEU B 244 -2.59 29.80 18.61
N VAL B 245 -1.25 29.82 18.52
CA VAL B 245 -0.48 28.68 17.98
C VAL B 245 -0.01 27.73 19.09
N LEU B 246 -0.73 26.64 19.28
CA LEU B 246 -0.38 25.68 20.32
C LEU B 246 0.72 24.72 19.83
N GLU B 247 1.79 24.59 20.62
CA GLU B 247 2.94 23.77 20.23
C GLU B 247 3.34 22.79 21.32
N VAL B 248 4.02 21.71 20.93
CA VAL B 248 4.47 20.73 21.92
C VAL B 248 5.98 20.49 21.79
N PRO B 249 6.69 20.62 22.92
CA PRO B 249 8.11 20.25 22.96
C PRO B 249 8.25 18.73 23.07
N ILE B 250 9.02 18.14 22.18
CA ILE B 250 9.10 16.69 22.17
C ILE B 250 10.17 16.18 23.14
N ARG B 251 9.71 15.41 24.11
CA ARG B 251 10.62 14.72 25.00
C ARG B 251 10.27 13.23 25.05
N HIS B 252 11.18 12.45 25.60
CA HIS B 252 11.05 10.99 25.61
C HIS B 252 10.93 10.50 27.06
N PRO B 253 10.01 9.56 27.32
CA PRO B 253 9.78 9.07 28.69
C PRO B 253 10.97 8.33 29.32
N LYS B 254 11.88 7.77 28.52
CA LYS B 254 13.05 7.09 29.07
C LYS B 254 14.36 7.83 28.78
N PHE B 255 14.45 8.40 27.58
CA PHE B 255 15.69 9.02 27.13
C PHE B 255 15.75 10.49 27.51
N GLU B 256 16.47 10.77 28.59
CA GLU B 256 16.56 12.12 29.12
C GLU B 256 17.10 13.09 28.08
N TRP B 257 17.95 12.59 27.19
CA TRP B 257 18.65 13.45 26.23
C TRP B 257 17.80 13.82 25.03
N PHE B 258 16.58 13.32 24.96
CA PHE B 258 15.77 13.56 23.77
C PHE B 258 15.36 15.01 23.67
N LYS B 259 15.08 15.62 24.82
CA LYS B 259 14.70 17.03 24.85
C LYS B 259 15.84 17.90 24.32
N ASP B 260 17.07 17.43 24.51
CA ASP B 260 18.25 18.19 24.10
C ASP B 260 18.37 18.33 22.58
N LEU B 261 17.61 17.53 21.85
CA LEU B 261 17.55 17.63 20.38
C LEU B 261 16.89 18.94 19.95
N GLY B 262 16.14 19.56 20.87
CA GLY B 262 15.46 20.81 20.61
C GLY B 262 14.23 20.74 19.73
N LEU B 263 13.68 19.53 19.56
CA LEU B 263 12.57 19.30 18.64
C LEU B 263 11.22 19.73 19.23
N LYS B 264 10.36 20.24 18.35
CA LYS B 264 8.99 20.59 18.72
C LYS B 264 8.09 20.47 17.49
N TRP B 265 6.78 20.45 17.72
CA TRP B 265 5.82 20.51 16.63
C TRP B 265 4.56 21.28 17.06
N TYR B 266 3.71 21.59 16.09
CA TYR B 266 2.44 22.26 16.37
C TYR B 266 1.33 21.23 16.59
N GLY B 267 0.38 21.58 17.45
CA GLY B 267 -0.67 20.67 17.84
C GLY B 267 -1.77 20.54 16.81
N LEU B 268 -1.88 21.52 15.92
CA LEU B 268 -3.06 21.61 15.04
C LEU B 268 -2.78 21.40 13.55
N PRO B 269 -3.22 20.25 13.00
CA PRO B 269 -3.08 19.95 11.57
C PRO B 269 -4.25 20.50 10.77
N ALA B 270 -3.99 21.53 9.98
CA ALA B 270 -5.06 22.25 9.35
C ALA B 270 -4.76 22.48 7.89
N VAL B 271 -5.18 21.53 7.07
CA VAL B 271 -4.83 21.57 5.67
C VAL B 271 -5.67 22.59 4.93
N SER B 272 -4.98 23.42 4.16
CA SER B 272 -5.59 24.63 3.63
C SER B 272 -5.46 24.80 2.11
N ASN B 273 -4.94 23.80 1.39
CA ASN B 273 -4.76 23.98 -0.04
C ASN B 273 -5.60 23.08 -0.93
N MET B 274 -6.61 22.44 -0.35
CA MET B 274 -7.47 21.57 -1.16
C MET B 274 -8.73 22.29 -1.61
N LEU B 275 -9.54 21.59 -2.39
CA LEU B 275 -10.74 22.18 -2.98
C LEU B 275 -11.95 21.32 -2.66
N LEU B 276 -12.97 21.96 -2.12
CA LEU B 276 -14.23 21.33 -1.76
C LEU B 276 -15.26 21.49 -2.86
N GLU B 277 -15.82 20.38 -3.30
CA GLU B 277 -16.82 20.42 -4.35
C GLU B 277 -18.15 19.90 -3.81
N ILE B 278 -19.19 20.73 -3.95
CA ILE B 278 -20.53 20.38 -3.52
C ILE B 278 -21.53 20.75 -4.61
N GLY B 279 -22.22 19.74 -5.13
CA GLY B 279 -23.24 19.95 -6.15
C GLY B 279 -22.79 20.84 -7.29
N GLY B 280 -21.54 20.64 -7.73
CA GLY B 280 -21.02 21.35 -8.87
C GLY B 280 -20.42 22.71 -8.54
N LEU B 281 -20.46 23.09 -7.28
CA LEU B 281 -19.83 24.33 -6.86
C LEU B 281 -18.43 24.06 -6.34
N GLU B 282 -17.49 24.92 -6.70
CA GLU B 282 -16.11 24.74 -6.31
C GLU B 282 -15.64 25.75 -5.24
N PHE B 283 -15.32 25.24 -4.06
CA PHE B 283 -14.80 26.09 -3.00
C PHE B 283 -13.27 25.98 -2.93
N SER B 284 -12.60 26.86 -3.66
CA SER B 284 -11.15 26.85 -3.82
C SER B 284 -10.39 27.16 -2.53
N ALA B 285 -11.10 27.62 -1.52
CA ALA B 285 -10.48 27.95 -0.23
C ALA B 285 -11.35 27.46 0.92
N CYS B 286 -10.86 26.45 1.63
CA CYS B 286 -11.66 25.77 2.65
C CYS B 286 -10.82 25.03 3.68
N PRO B 287 -10.03 25.77 4.48
CA PRO B 287 -9.15 25.11 5.44
C PRO B 287 -9.93 24.19 6.40
N PHE B 288 -9.47 22.95 6.54
CA PHE B 288 -10.05 22.04 7.53
C PHE B 288 -8.98 21.42 8.43
N SER B 289 -9.40 21.12 9.66
CA SER B 289 -8.49 20.64 10.67
C SER B 289 -9.14 19.56 11.52
N GLY B 290 -8.31 18.73 12.13
CA GLY B 290 -8.79 17.73 13.05
C GLY B 290 -7.76 17.67 14.14
N TRP B 291 -7.24 16.48 14.36
CA TRP B 291 -6.11 16.30 15.24
C TRP B 291 -5.19 15.22 14.62
N TYR B 292 -3.96 15.14 15.10
CA TYR B 292 -2.94 14.31 14.50
C TYR B 292 -3.03 12.83 14.87
N MET B 293 -2.71 11.99 13.89
CA MET B 293 -2.25 10.64 14.16
C MET B 293 -0.73 10.73 14.32
N GLY B 294 -0.20 10.12 15.39
CA GLY B 294 1.19 10.26 15.78
C GLY B 294 2.23 10.17 14.66
N THR B 295 2.04 9.20 13.77
CA THR B 295 2.99 8.91 12.70
C THR B 295 3.12 10.04 11.69
N GLU B 296 2.17 10.97 11.70
CA GLU B 296 2.18 12.03 10.70
C GLU B 296 3.36 12.91 10.97
N ILE B 297 3.59 13.15 12.25
CA ILE B 297 4.72 13.95 12.70
C ILE B 297 5.97 13.09 12.87
N GLY B 298 5.80 11.97 13.59
CA GLY B 298 6.91 11.13 14.00
C GLY B 298 7.59 10.28 12.93
N VAL B 299 6.84 9.92 11.89
CA VAL B 299 7.40 9.12 10.81
C VAL B 299 7.74 9.97 9.59
N ARG B 300 6.73 10.68 9.09
CA ARG B 300 6.85 11.43 7.84
C ARG B 300 7.54 12.80 8.04
N ASP B 301 6.99 13.62 8.94
CA ASP B 301 7.50 14.98 9.19
C ASP B 301 8.96 15.02 9.67
N TYR B 302 9.38 14.03 10.44
CA TYR B 302 10.72 14.05 11.02
C TYR B 302 11.75 13.18 10.30
N CYS B 303 11.30 12.05 9.75
CA CYS B 303 12.21 11.02 9.25
C CYS B 303 12.30 10.85 7.74
N ASP B 304 11.40 11.48 6.98
CA ASP B 304 11.56 11.48 5.54
C ASP B 304 12.87 12.20 5.22
N ASN B 305 13.59 11.69 4.22
CA ASN B 305 14.87 12.28 3.81
C ASN B 305 14.71 13.72 3.30
N SER B 306 13.61 13.97 2.61
CA SER B 306 13.31 15.31 2.10
C SER B 306 12.50 16.11 3.12
N ARG B 307 12.54 15.65 4.37
CA ARG B 307 11.92 16.37 5.49
C ARG B 307 13.00 16.71 6.53
N TYR B 308 12.68 16.60 7.83
CA TYR B 308 13.62 17.04 8.85
C TYR B 308 14.78 16.07 8.99
N ASN B 309 14.58 14.84 8.49
CA ASN B 309 15.65 13.84 8.27
C ASN B 309 16.52 13.60 9.52
N ILE B 310 15.85 13.30 10.63
CA ILE B 310 16.48 13.29 11.96
C ILE B 310 16.87 11.91 12.47
N LEU B 311 16.65 10.89 11.63
CA LEU B 311 16.91 9.51 12.02
C LEU B 311 18.35 9.31 12.45
N GLU B 312 19.28 9.78 11.62
CA GLU B 312 20.71 9.62 11.91
C GLU B 312 21.09 10.30 13.23
N GLU B 313 20.52 11.47 13.48
CA GLU B 313 20.83 12.19 14.70
C GLU B 313 20.42 11.38 15.93
N VAL B 314 19.15 10.94 15.95
CA VAL B 314 18.61 10.19 17.08
C VAL B 314 19.35 8.87 17.31
N ALA B 315 19.60 8.13 16.23
CA ALA B 315 20.27 6.84 16.34
C ALA B 315 21.70 7.00 16.84
N LYS B 316 22.24 8.20 16.69
CA LYS B 316 23.60 8.46 17.14
C LYS B 316 23.64 8.58 18.66
N LYS B 317 22.60 9.20 19.23
CA LYS B 317 22.49 9.34 20.69
C LYS B 317 22.11 8.00 21.33
N MET B 318 21.44 7.14 20.56
CA MET B 318 21.10 5.79 21.02
C MET B 318 22.33 4.89 20.99
N ASN B 319 23.41 5.39 20.40
CA ASN B 319 24.65 4.62 20.23
C ASN B 319 24.41 3.35 19.42
N LEU B 320 23.64 3.47 18.33
CA LEU B 320 23.33 2.31 17.50
C LEU B 320 24.37 2.10 16.42
N ASP B 321 24.64 0.84 16.08
CA ASP B 321 25.54 0.52 14.98
C ASP B 321 24.91 0.92 13.65
N MET B 322 25.47 1.93 13.00
CA MET B 322 24.89 2.47 11.77
C MET B 322 25.70 2.10 10.53
N ARG B 323 26.53 1.06 10.63
CA ARG B 323 27.39 0.68 9.52
C ARG B 323 26.72 -0.27 8.52
N LYS B 324 25.78 -1.08 9.00
CA LYS B 324 25.01 -1.96 8.12
C LYS B 324 23.53 -1.68 8.29
N THR B 325 22.78 -1.77 7.18
CA THR B 325 21.34 -1.54 7.24
C THR B 325 20.63 -2.66 7.99
N SER B 326 21.21 -3.85 7.96
CA SER B 326 20.57 -5.04 8.53
C SER B 326 20.61 -5.06 10.06
N SER B 327 21.29 -4.10 10.69
CA SER B 327 21.14 -3.94 12.14
C SER B 327 19.80 -3.26 12.47
N LEU B 328 19.10 -2.82 11.43
CA LEU B 328 17.80 -2.16 11.54
C LEU B 328 17.81 -0.94 12.48
N TRP B 329 18.91 -0.18 12.44
CA TRP B 329 19.04 0.97 13.31
C TRP B 329 18.01 2.05 12.98
N LYS B 330 17.68 2.18 11.70
CA LYS B 330 16.65 3.12 11.30
C LYS B 330 15.29 2.75 11.90
N ASP B 331 14.98 1.46 11.92
CA ASP B 331 13.70 1.01 12.45
C ASP B 331 13.61 1.22 13.96
N GLN B 332 14.74 1.07 14.65
CA GLN B 332 14.79 1.34 16.08
C GLN B 332 14.57 2.82 16.42
N ALA B 333 15.31 3.70 15.74
CA ALA B 333 15.19 5.13 16.00
C ALA B 333 13.80 5.60 15.67
N LEU B 334 13.20 5.02 14.63
CA LEU B 334 11.86 5.42 14.21
C LEU B 334 10.83 5.19 15.32
N VAL B 335 10.85 4.02 15.94
CA VAL B 335 9.87 3.67 16.96
C VAL B 335 10.03 4.57 18.18
N GLU B 336 11.28 4.92 18.49
CA GLU B 336 11.59 5.75 19.64
C GLU B 336 11.10 7.17 19.46
N ILE B 337 11.30 7.70 18.25
CA ILE B 337 10.82 9.01 17.90
C ILE B 337 9.31 9.05 18.05
N ASN B 338 8.63 7.98 17.63
CA ASN B 338 7.18 8.02 17.67
C ASN B 338 6.63 7.80 19.06
N ILE B 339 7.42 7.17 19.92
CA ILE B 339 7.10 7.08 21.33
C ILE B 339 7.16 8.48 22.00
N ALA B 340 8.24 9.22 21.74
CA ALA B 340 8.40 10.56 22.32
C ALA B 340 7.27 11.48 21.91
N VAL B 341 6.86 11.39 20.64
CA VAL B 341 5.82 12.25 20.11
C VAL B 341 4.48 11.98 20.80
N LEU B 342 4.13 10.70 20.95
CA LEU B 342 2.88 10.34 21.60
C LEU B 342 2.92 10.76 23.06
N TYR B 343 4.05 10.46 23.70
CA TYR B 343 4.26 10.81 25.10
C TYR B 343 4.10 12.32 25.36
N SER B 344 4.72 13.13 24.50
CA SER B 344 4.76 14.56 24.68
C SER B 344 3.36 15.17 24.59
N PHE B 345 2.65 14.87 23.51
CA PHE B 345 1.29 15.38 23.34
C PHE B 345 0.39 15.01 24.50
N GLN B 346 0.40 13.72 24.85
CA GLN B 346 -0.45 13.21 25.91
C GLN B 346 -0.10 13.82 27.25
N SER B 347 1.16 14.15 27.43
CA SER B 347 1.61 14.76 28.66
C SER B 347 1.05 16.18 28.80
N ASP B 348 0.99 16.87 27.68
CA ASP B 348 0.46 18.23 27.63
C ASP B 348 -1.04 18.26 27.35
N LYS B 349 -1.68 17.09 27.42
CA LYS B 349 -3.11 16.97 27.18
C LYS B 349 -3.51 17.66 25.87
N VAL B 350 -2.74 17.38 24.82
CA VAL B 350 -3.09 17.76 23.47
C VAL B 350 -3.57 16.52 22.72
N THR B 351 -4.79 16.58 22.19
CA THR B 351 -5.39 15.45 21.50
C THR B 351 -4.47 14.86 20.41
N ILE B 352 -4.31 13.55 20.44
CA ILE B 352 -3.53 12.84 19.44
C ILE B 352 -4.01 11.39 19.41
N VAL B 353 -3.80 10.68 18.31
CA VAL B 353 -4.18 9.26 18.29
C VAL B 353 -3.01 8.44 17.73
N ASP B 354 -2.69 7.31 18.36
CA ASP B 354 -1.65 6.42 17.82
C ASP B 354 -2.26 5.58 16.72
N HIS B 355 -1.41 5.17 15.78
CA HIS B 355 -1.84 4.43 14.60
C HIS B 355 -2.53 3.07 14.92
N HIS B 356 -2.25 2.47 16.07
CA HIS B 356 -2.98 1.28 16.47
C HIS B 356 -4.46 1.59 16.77
N SER B 357 -4.69 2.58 17.62
CA SER B 357 -6.04 2.95 18.00
C SER B 357 -6.83 3.51 16.81
N ALA B 358 -6.18 4.36 16.00
CA ALA B 358 -6.79 4.93 14.81
C ALA B 358 -7.26 3.87 13.82
N THR B 359 -6.39 2.91 13.53
CA THR B 359 -6.73 1.83 12.62
C THR B 359 -7.81 0.91 13.20
N GLU B 360 -7.78 0.62 14.50
CA GLU B 360 -8.92 -0.04 15.15
C GLU B 360 -10.22 0.71 14.84
N SER B 361 -10.24 2.01 15.17
CA SER B 361 -11.41 2.85 14.95
CA SER B 361 -11.43 2.82 14.97
C SER B 361 -11.90 2.75 13.53
N PHE B 362 -10.95 2.75 12.59
CA PHE B 362 -11.34 2.74 11.20
C PHE B 362 -11.98 1.43 10.77
N ILE B 363 -11.49 0.29 11.27
CA ILE B 363 -12.10 -1.00 10.92
C ILE B 363 -13.55 -1.00 11.45
N LYS B 364 -13.73 -0.40 12.61
CA LYS B 364 -15.06 -0.26 13.23
C LYS B 364 -15.98 0.61 12.37
N HIS B 365 -15.42 1.69 11.87
CA HIS B 365 -16.10 2.62 10.99
C HIS B 365 -16.59 1.94 9.72
N MET B 366 -15.69 1.20 9.07
CA MET B 366 -16.04 0.41 7.89
C MET B 366 -17.25 -0.48 8.14
N GLU B 367 -17.25 -1.17 9.28
CA GLU B 367 -18.37 -2.04 9.63
C GLU B 367 -19.65 -1.22 9.81
N ASN B 368 -19.56 -0.11 10.53
CA ASN B 368 -20.69 0.82 10.63
C ASN B 368 -21.21 1.21 9.25
N GLU B 369 -20.30 1.67 8.40
CA GLU B 369 -20.64 2.21 7.07
C GLU B 369 -21.18 1.17 6.09
N TYR B 370 -20.65 -0.05 6.12
CA TYR B 370 -21.20 -1.09 5.27
C TYR B 370 -22.62 -1.40 5.70
N ARG B 371 -22.81 -1.54 7.01
CA ARG B 371 -24.12 -1.82 7.57
C ARG B 371 -25.16 -0.78 7.17
N CYS B 372 -24.87 0.49 7.43
CA CYS B 372 -25.90 1.52 7.28
C CYS B 372 -25.89 2.24 5.92
N ARG B 373 -24.81 2.07 5.14
CA ARG B 373 -24.66 2.84 3.89
C ARG B 373 -24.30 1.97 2.68
N GLY B 374 -24.07 0.68 2.92
CA GLY B 374 -23.78 -0.26 1.85
C GLY B 374 -22.36 -0.15 1.30
N GLY B 375 -21.45 0.37 2.12
CA GLY B 375 -20.06 0.50 1.71
C GLY B 375 -19.33 1.70 2.30
N CYS B 376 -18.04 1.79 1.95
CA CYS B 376 -17.17 2.85 2.42
C CYS B 376 -15.94 2.89 1.53
N PRO B 377 -15.79 3.94 0.73
CA PRO B 377 -14.59 4.09 -0.10
C PRO B 377 -13.33 4.20 0.75
N ALA B 378 -12.25 3.54 0.33
CA ALA B 378 -11.02 3.59 1.11
C ALA B 378 -9.80 3.28 0.24
N ASP B 379 -8.71 3.97 0.55
CA ASP B 379 -7.47 3.89 -0.23
C ASP B 379 -6.43 3.22 0.65
N TRP B 380 -6.27 1.91 0.44
CA TRP B 380 -5.36 1.09 1.24
C TRP B 380 -3.97 1.72 1.28
N VAL B 381 -3.52 2.25 0.13
CA VAL B 381 -2.20 2.86 0.05
C VAL B 381 -2.03 3.97 1.09
N TRP B 382 -3.07 4.77 1.30
CA TRP B 382 -2.97 5.87 2.24
C TRP B 382 -3.46 5.47 3.64
N ILE B 383 -4.41 4.54 3.73
CA ILE B 383 -5.01 4.20 5.02
C ILE B 383 -4.01 3.48 5.93
N VAL B 384 -3.21 2.59 5.34
CA VAL B 384 -2.22 1.84 6.11
C VAL B 384 -1.07 2.71 6.56
N PRO B 385 -0.80 2.74 7.87
CA PRO B 385 0.19 3.62 8.49
C PRO B 385 1.61 3.40 7.90
N PRO B 386 2.46 4.45 7.89
CA PRO B 386 3.81 4.45 7.31
C PRO B 386 4.84 3.75 8.19
N MET B 387 4.42 3.18 9.32
CA MET B 387 5.27 2.26 10.05
C MET B 387 4.44 1.13 10.63
N SER B 388 5.09 -0.02 10.86
CA SER B 388 4.48 -1.20 11.48
C SER B 388 3.15 -1.60 10.85
N GLY B 389 3.05 -1.44 9.54
CA GLY B 389 1.82 -1.72 8.80
C GLY B 389 1.05 -2.98 9.17
N SER B 390 1.65 -4.15 8.98
CA SER B 390 0.92 -5.41 9.13
C SER B 390 0.59 -5.82 10.57
N ILE B 391 1.09 -5.07 11.56
CA ILE B 391 0.61 -5.32 12.91
C ILE B 391 -0.54 -4.36 13.26
N THR B 392 -1.08 -3.69 12.24
CA THR B 392 -2.31 -2.91 12.41
C THR B 392 -3.37 -3.64 11.62
N PRO B 393 -4.64 -3.48 12.02
CA PRO B 393 -5.73 -4.26 11.43
C PRO B 393 -6.07 -3.89 9.98
N VAL B 394 -5.79 -2.66 9.56
CA VAL B 394 -6.12 -2.25 8.20
C VAL B 394 -5.25 -2.95 7.15
N PHE B 395 -4.03 -3.35 7.52
CA PHE B 395 -3.16 -4.07 6.59
C PHE B 395 -3.87 -5.27 5.96
N HIS B 396 -4.66 -5.97 6.77
CA HIS B 396 -5.30 -7.21 6.36
C HIS B 396 -6.71 -7.02 5.83
N GLN B 397 -7.11 -5.76 5.69
CA GLN B 397 -8.46 -5.43 5.28
C GLN B 397 -8.53 -5.02 3.82
N GLU B 398 -9.20 -5.82 3.01
CA GLU B 398 -9.40 -5.42 1.63
C GLU B 398 -10.29 -4.17 1.63
N MET B 399 -9.99 -3.26 0.72
CA MET B 399 -10.77 -2.03 0.63
C MET B 399 -11.05 -1.77 -0.84
N LEU B 400 -12.20 -1.14 -1.09
CA LEU B 400 -12.57 -0.76 -2.43
C LEU B 400 -12.50 0.75 -2.54
N ASN B 401 -11.73 1.24 -3.50
CA ASN B 401 -11.68 2.66 -3.68
C ASN B 401 -12.59 3.12 -4.79
N TYR B 402 -13.30 4.21 -4.54
CA TYR B 402 -14.12 4.85 -5.57
C TYR B 402 -14.44 6.26 -5.14
N ARG B 403 -14.77 7.11 -6.09
CA ARG B 403 -14.92 8.50 -5.78
C ARG B 403 -16.38 8.91 -5.73
N LEU B 404 -16.84 9.21 -4.53
CA LEU B 404 -18.20 9.74 -4.34
C LEU B 404 -18.16 11.27 -4.16
N THR B 405 -19.25 11.94 -4.49
CA THR B 405 -19.35 13.39 -4.30
C THR B 405 -20.51 13.67 -3.33
N PRO B 406 -20.39 14.70 -2.48
CA PRO B 406 -19.40 15.79 -2.34
C PRO B 406 -17.99 15.33 -1.96
N SER B 407 -16.98 16.11 -2.34
CA SER B 407 -15.60 15.66 -2.15
C SER B 407 -14.55 16.75 -2.00
N PHE B 408 -13.42 16.35 -1.42
CA PHE B 408 -12.18 17.12 -1.42
C PHE B 408 -11.24 16.69 -2.56
N GLU B 409 -10.79 17.64 -3.36
CA GLU B 409 -9.85 17.39 -4.44
C GLU B 409 -8.57 18.19 -4.29
N TYR B 410 -7.60 17.89 -5.13
CA TYR B 410 -6.40 18.67 -5.26
C TYR B 410 -6.57 19.76 -6.29
N GLN B 411 -5.77 20.81 -6.14
CA GLN B 411 -5.75 21.91 -7.10
C GLN B 411 -4.30 22.31 -7.29
N PRO B 412 -4.00 23.04 -8.36
CA PRO B 412 -2.63 23.51 -8.57
C PRO B 412 -2.20 24.54 -7.53
N ASP B 413 -0.90 24.69 -7.31
CA ASP B 413 -0.42 25.75 -6.44
C ASP B 413 -0.68 27.10 -7.11
N PRO B 414 -1.25 28.05 -6.37
CA PRO B 414 -1.72 29.31 -6.99
C PRO B 414 -0.60 30.16 -7.61
N TRP B 415 0.65 29.97 -7.20
CA TRP B 415 1.76 30.74 -7.78
C TRP B 415 2.12 30.28 -9.18
N ASN B 416 1.64 29.11 -9.57
CA ASN B 416 1.88 28.60 -10.92
C ASN B 416 0.88 29.16 -11.93
N THR B 417 -0.11 29.91 -11.47
CA THR B 417 -1.22 30.36 -12.32
C THR B 417 -1.49 31.86 -12.24
N HIS B 418 -1.17 32.44 -11.08
CA HIS B 418 -1.65 33.78 -10.76
C HIS B 418 -0.93 34.87 -11.53
N VAL B 419 -1.71 35.69 -12.24
CA VAL B 419 -1.12 36.85 -12.90
C VAL B 419 -1.19 38.05 -11.96
N TRP B 420 -0.05 38.70 -11.77
CA TRP B 420 0.14 39.66 -10.69
C TRP B 420 -0.12 41.12 -11.03
N LYS B 421 -1.09 41.75 -10.35
CA LYS B 421 -1.15 43.21 -10.28
C LYS B 421 -1.28 43.89 -11.66
CHA HEM C . 6.43 -12.48 -3.94
CHB HEM C . 10.91 -11.44 -2.52
CHC HEM C . 12.53 -14.70 -5.72
CHD HEM C . 8.22 -14.84 -7.81
C1A HEM C . 7.49 -12.03 -3.19
C2A HEM C . 7.42 -11.36 -1.91
C3A HEM C . 8.65 -11.08 -1.50
C4A HEM C . 9.55 -11.55 -2.54
CMA HEM C . 9.03 -10.37 -0.18
CAA HEM C . 6.15 -11.09 -1.11
CBA HEM C . 5.91 -12.46 -0.47
CGA HEM C . 4.88 -12.41 0.62
O1A HEM C . 4.47 -11.28 1.05
O2A HEM C . 4.49 -13.54 1.04
C1B HEM C . 11.73 -12.26 -3.26
C2B HEM C . 13.15 -12.35 -3.09
C3B HEM C . 13.62 -13.23 -3.96
C4B HEM C . 12.48 -13.74 -4.72
CMB HEM C . 13.99 -11.54 -2.07
CAB HEM C . 15.13 -13.59 -4.06
CBB HEM C . 15.64 -14.32 -5.07
C1C HEM C . 11.52 -15.05 -6.57
C2C HEM C . 11.59 -16.02 -7.65
C3C HEM C . 10.37 -16.06 -8.23
C4C HEM C . 9.53 -15.11 -7.52
CMC HEM C . 12.85 -16.83 -8.00
CAC HEM C . 9.83 -16.85 -9.44
CBC HEM C . 10.65 -17.39 -10.35
C1D HEM C . 7.32 -14.26 -6.95
C2D HEM C . 5.89 -14.26 -7.14
C3D HEM C . 5.35 -13.53 -5.93
C4D HEM C . 6.49 -13.16 -5.14
CMD HEM C . 5.10 -14.88 -8.31
CAD HEM C . 3.86 -13.25 -5.60
CBD HEM C . 3.45 -14.42 -4.69
CGD HEM C . 1.99 -14.32 -4.32
O1D HEM C . 1.28 -13.43 -4.86
O2D HEM C . 1.51 -15.14 -3.50
NA HEM C . 8.81 -12.11 -3.56
NB HEM C . 11.33 -13.13 -4.26
NC HEM C . 10.25 -14.53 -6.52
ND HEM C . 7.64 -13.61 -5.78
FE HEM C . 9.54 -13.04 -5.31
N1 H4B D . 1.90 -7.49 0.90
C2 H4B D . 2.69 -8.59 0.96
N2 H4B D . 3.98 -8.52 0.58
N3 H4B D . 2.19 -9.76 1.41
C4 H4B D . 0.91 -9.87 1.82
O4 H4B D . 0.47 -10.98 2.24
C4A H4B D . 0.07 -8.77 1.76
C8A H4B D . 0.60 -7.58 1.29
N5 H4B D . -1.21 -8.85 2.13
N8 H4B D . -0.18 -6.48 1.21
C6 H4B D . -2.12 -7.87 1.54
C7 H4B D . -1.54 -6.47 1.69
C9 H4B D . -3.53 -7.91 2.12
O9 H4B D . -3.48 -7.87 3.55
C10 H4B D . -4.34 -6.72 1.60
C11 H4B D . -5.73 -6.62 2.25
O10 H4B D . -4.46 -6.82 0.17
C11 OUA E . 9.93 -17.05 -4.61
C23 OUA E . 3.36 -17.03 0.99
N28 OUA E . 2.94 -16.80 3.41
C27 OUA E . 3.23 -17.76 2.31
C22 OUA E . 2.25 -16.46 0.37
C24 OUA E . 4.59 -16.94 0.36
C25 OUA E . 4.69 -16.26 -0.85
C26 OUA E . 3.56 -15.71 -1.43
N21 OUA E . 2.38 -15.83 -0.81
C08 OUA E . 6.04 -16.24 -1.47
C09 OUA E . 7.14 -15.68 -0.82
C07 OUA E . 6.21 -16.84 -2.70
C06 OUA E . 7.45 -16.89 -3.31
C05 OUA E . 8.55 -16.33 -2.68
C04 OUA E . 9.80 -16.37 -3.28
C03 OUA E . 10.89 -15.81 -2.63
C02 OUA E . 10.68 -15.20 -1.39
N02 OUA E . 11.69 -14.63 -0.70
N01 OUA E . 9.45 -15.18 -0.82
C10 OUA E . 8.39 -15.72 -1.44
C1 GOL F . 6.65 -7.79 -24.10
O1 GOL F . 6.05 -8.26 -22.92
C2 GOL F . 8.13 -8.14 -24.13
O2 GOL F . 8.45 -9.15 -23.20
C3 GOL F . 8.98 -6.92 -23.78
O3 GOL F . 10.08 -7.38 -23.02
ZN ZN G . -6.70 0.24 -9.51
CHA HEM H . -6.05 12.32 5.19
CHB HEM H . -6.08 11.43 9.97
CHC HEM H . -9.75 14.60 10.40
CHD HEM H . -10.09 15.10 5.62
C1A HEM H . -5.65 11.89 6.46
C2A HEM H . -4.42 11.23 6.80
C3A HEM H . -4.42 10.99 8.12
C4A HEM H . -5.66 11.48 8.66
CMA HEM H . -3.30 10.30 8.94
CAA HEM H . -3.27 10.89 5.83
CBA HEM H . -2.62 12.25 5.53
CGA HEM H . -1.19 12.12 5.09
O1A HEM H . -0.62 11.02 5.25
O2A HEM H . -0.63 13.12 4.58
C1B HEM H . -7.08 12.23 10.50
C2B HEM H . -7.44 12.33 11.90
C3B HEM H . -8.44 13.19 12.02
C4B HEM H . -8.77 13.69 10.70
CMB HEM H . -6.78 11.56 13.06
CAB HEM H . -9.10 13.55 13.37
CBB HEM H . -10.28 14.18 13.48
C1C HEM H . -10.12 15.07 9.16
C2C HEM H . -11.03 16.18 8.89
C3C HEM H . -11.11 16.31 7.55
C4C HEM H . -10.27 15.29 6.97
CMC HEM H . -11.72 17.01 9.99
CAC HEM H . -11.94 17.29 6.69
CBC HEM H . -13.03 17.96 7.13
C1D HEM H . -9.02 14.43 5.05
C2D HEM H . -8.70 14.45 3.65
C3D HEM H . -7.44 13.59 3.52
C4D HEM H . -7.12 13.14 4.86
CMD HEM H . -9.45 15.18 2.51
CAD HEM H . -6.69 13.27 2.21
CBD HEM H . -5.52 14.25 2.10
CGD HEM H . -4.85 14.10 0.77
O1D HEM H . -5.38 13.38 -0.11
O2D HEM H . -3.75 14.71 0.58
NA HEM H . -6.39 12.02 7.61
NB HEM H . -7.91 13.08 9.79
NC HEM H . -9.68 14.56 7.97
ND HEM H . -8.09 13.66 5.74
FE HEM H . -8.21 13.07 7.70
N1 H4B I . 0.01 7.40 2.51
C2 H4B I . -0.21 8.48 3.29
N2 H4B I . -1.06 8.37 4.35
N3 H4B I . 0.40 9.66 3.01
C4 H4B I . 1.24 9.79 1.96
O4 H4B I . 1.80 10.88 1.71
C4A H4B I . 1.47 8.68 1.16
C8A H4B I . 0.84 7.48 1.44
N5 H4B I . 2.29 8.77 0.11
N8 H4B I . 1.05 6.38 0.65
C6 H4B I . 2.02 7.85 -0.98
C7 H4B I . 1.96 6.40 -0.49
C9 H4B I . 3.07 8.01 -2.06
O9 H4B I . 4.34 7.88 -1.43
C10 H4B I . 2.87 6.92 -3.10
C11 H4B I . 3.84 7.03 -4.27
O10 H4B I . 1.52 7.02 -3.58
C11 OUA J . -7.64 16.97 8.26
C23 OUA J . -0.19 16.52 3.77
N28 OUA J . 2.18 16.16 4.14
C27 OUA J . 1.14 17.19 3.97
C22 OUA J . -0.48 15.86 2.58
C24 OUA J . -1.15 16.55 4.78
C25 OUA J . -2.37 15.91 4.58
C26 OUA J . -2.61 15.28 3.37
N21 OUA J . -1.67 15.26 2.40
C08 OUA J . -3.40 15.96 5.66
C09 OUA J . -3.19 15.42 6.93
C07 OUA J . -4.62 16.58 5.40
C06 OUA J . -5.60 16.70 6.37
C05 OUA J . -5.38 16.16 7.62
C04 OUA J . -6.36 16.27 8.59
C03 OUA J . -6.15 15.72 9.85
C02 OUA J . -4.94 15.08 10.09
N02 OUA J . -4.69 14.52 11.31
N01 OUA J . -4.00 14.99 9.13
C10 OUA J . -4.18 15.51 7.90
C1 GOL K . -23.39 9.37 -2.10
O1 GOL K . -23.91 9.73 -3.36
C2 GOL K . -24.43 8.58 -1.32
O2 GOL K . -25.53 8.31 -2.17
C3 GOL K . -24.90 9.37 -0.10
O3 GOL K . -25.22 8.50 0.96
#